data_4X4W
#
_entry.id   4X4W
#
_cell.length_a   40.970
_cell.length_b   142.360
_cell.length_c   100.590
_cell.angle_alpha   90.000
_cell.angle_beta   94.640
_cell.angle_gamma   90.000
#
_symmetry.space_group_name_H-M   'P 1 21 1'
#
loop_
_entity.id
_entity.type
_entity.pdbx_description
1 polymer 'CCA tRNA nucleotidyltransferase 1, mitochondrial'
2 non-polymer 'SULFATE ION'
3 non-polymer 'CITRATE ANION'
4 non-polymer GLYCEROL
5 non-polymer 'CHLORIDE ION'
6 water water
#
_entity_poly.entity_id   1
_entity_poly.type   'polypeptide(L)'
_entity_poly.pdbx_seq_one_letter_code
;MFTMKLQSPEFQSLFTEGLKSLTELFVKENHELRIAGGAVRDLLNGVKPQDIDFATTATPTQMKEMFQSAGIRMINNRGE
KHGTITARLHEENFEITTLRIDVTTDGRHAEVEFTTDWQKDAERRDLTINSMFLGFDGTLFDYFNGYEDLKNKKVRFVGH
AKQRIQEDYLRILRYFRFYGRIVDKPGDHDPETLEAIAENAKGLAGISGERIWVELKKILVGNHVNHLIHLIYDLDVAPY
IGLPANASLEEFDKVSKNVDGFSPKPVTLLASLFKVQDDVTKLDLRLKIAKEEKNLGLFIVKNRKDLIKATDSSDPLKPY
QDFIIDSREPDATTRVCELLKYQGEHCLLKEMQQWSIPPFPVSGHDIRKVGISSGKEIGALLQQLREQWKKSGYQMEKDE
LLSYIKKTLEHHHHHH
;
_entity_poly.pdbx_strand_id   A,B
#
# COMPACT_ATOMS: atom_id res chain seq x y z
N MET A 1 -30.44 -29.74 -20.89
CA MET A 1 -29.51 -28.66 -21.28
C MET A 1 -28.14 -28.96 -20.65
N PHE A 2 -27.10 -28.31 -21.15
CA PHE A 2 -25.83 -28.27 -20.48
C PHE A 2 -25.72 -27.01 -19.64
N THR A 3 -25.21 -27.17 -18.45
CA THR A 3 -25.06 -26.05 -17.57
C THR A 3 -23.71 -26.12 -16.80
N MET A 4 -23.20 -24.96 -16.40
CA MET A 4 -21.91 -24.89 -15.70
C MET A 4 -21.99 -25.44 -14.30
N LYS A 5 -21.11 -26.39 -14.01
CA LYS A 5 -21.02 -26.97 -12.67
C LYS A 5 -19.55 -27.01 -12.21
N LEU A 6 -19.35 -26.83 -10.91
CA LEU A 6 -18.02 -26.83 -10.32
C LEU A 6 -17.43 -28.23 -10.32
N GLN A 7 -16.19 -28.33 -10.75
CA GLN A 7 -15.46 -29.57 -10.62
C GLN A 7 -14.01 -29.25 -10.30
N SER A 8 -13.49 -29.84 -9.23
CA SER A 8 -12.07 -29.66 -8.90
C SER A 8 -11.66 -30.73 -7.90
N PRO A 9 -10.34 -30.95 -7.76
CA PRO A 9 -9.89 -31.91 -6.74
C PRO A 9 -10.27 -31.46 -5.33
N GLU A 10 -10.32 -30.15 -5.11
CA GLU A 10 -10.77 -29.64 -3.81
C GLU A 10 -12.24 -29.96 -3.46
N PHE A 11 -13.13 -29.79 -4.42
CA PHE A 11 -14.51 -30.19 -4.30
C PHE A 11 -14.66 -31.72 -4.11
N GLN A 12 -14.00 -32.48 -4.96
CA GLN A 12 -14.06 -33.93 -4.90
C GLN A 12 -13.59 -34.50 -3.55
N SER A 13 -12.59 -33.87 -2.93
CA SER A 13 -12.03 -34.36 -1.69
C SER A 13 -13.00 -34.30 -0.55
N LEU A 14 -14.09 -33.56 -0.71
CA LEU A 14 -15.10 -33.46 0.33
C LEU A 14 -16.00 -34.70 0.43
N PHE A 15 -16.07 -35.49 -0.65
CA PHE A 15 -17.03 -36.58 -0.70
C PHE A 15 -16.58 -37.87 -0.05
N THR A 16 -16.45 -37.78 1.27
CA THR A 16 -16.09 -38.90 2.13
C THR A 16 -17.30 -39.83 2.26
N GLU A 17 -17.12 -40.96 2.94
CA GLU A 17 -18.26 -41.89 3.10
C GLU A 17 -19.34 -41.25 3.91
N GLY A 18 -18.96 -40.39 4.86
CA GLY A 18 -19.92 -39.69 5.69
C GLY A 18 -20.75 -38.73 4.88
N LEU A 19 -20.08 -37.97 4.02
CA LEU A 19 -20.78 -36.94 3.30
C LEU A 19 -21.75 -37.62 2.31
N LYS A 20 -21.29 -38.67 1.65
CA LYS A 20 -22.16 -39.43 0.76
C LYS A 20 -23.34 -40.03 1.49
N SER A 21 -23.13 -40.61 2.66
CA SER A 21 -24.29 -41.05 3.44
C SER A 21 -25.23 -39.90 3.81
N LEU A 22 -24.69 -38.75 4.16
CA LEU A 22 -25.56 -37.63 4.58
C LEU A 22 -26.39 -37.13 3.40
N THR A 23 -25.75 -36.95 2.24
CA THR A 23 -26.44 -36.39 1.12
C THR A 23 -27.54 -37.37 0.68
N GLU A 24 -27.30 -38.66 0.79
CA GLU A 24 -28.29 -39.64 0.35
C GLU A 24 -29.51 -39.66 1.27
N LEU A 25 -29.28 -39.47 2.58
CA LEU A 25 -30.34 -39.39 3.55
C LEU A 25 -31.28 -38.21 3.28
N PHE A 26 -30.70 -37.05 2.99
CA PHE A 26 -31.50 -35.84 2.72
C PHE A 26 -32.30 -36.00 1.41
N VAL A 27 -31.69 -36.60 0.39
CA VAL A 27 -32.45 -36.92 -0.85
C VAL A 27 -33.62 -37.83 -0.55
N LYS A 28 -33.33 -38.91 0.14
CA LYS A 28 -34.37 -39.86 0.53
C LYS A 28 -35.53 -39.20 1.30
N GLU A 29 -35.24 -38.24 2.16
CA GLU A 29 -36.24 -37.62 3.03
C GLU A 29 -36.79 -36.36 2.39
N ASN A 30 -36.40 -36.11 1.13
CA ASN A 30 -36.95 -34.98 0.40
C ASN A 30 -36.73 -33.57 1.04
N HIS A 31 -35.49 -33.33 1.51
CA HIS A 31 -35.05 -32.06 2.00
C HIS A 31 -33.83 -31.61 1.23
N GLU A 32 -33.82 -30.35 0.81
CA GLU A 32 -32.69 -29.82 0.07
C GLU A 32 -31.54 -29.56 1.05
N LEU A 33 -30.35 -29.96 0.65
CA LEU A 33 -29.11 -29.74 1.44
C LEU A 33 -28.02 -29.20 0.52
N ARG A 34 -27.37 -28.12 0.92
CA ARG A 34 -26.31 -27.49 0.13
C ARG A 34 -25.21 -26.99 1.03
N ILE A 35 -24.03 -26.82 0.43
CA ILE A 35 -22.92 -26.16 1.09
C ILE A 35 -23.20 -24.68 1.07
N ALA A 36 -22.88 -23.96 2.15
CA ALA A 36 -23.24 -22.53 2.23
C ALA A 36 -22.03 -21.69 2.67
N GLY A 37 -22.11 -20.39 2.45
CA GLY A 37 -21.24 -19.47 3.15
C GLY A 37 -19.79 -19.53 2.73
N GLY A 38 -18.93 -19.53 3.73
CA GLY A 38 -17.50 -19.43 3.53
C GLY A 38 -16.89 -20.62 2.77
N ALA A 39 -17.46 -21.80 2.97
CA ALA A 39 -17.01 -23.01 2.26
C ALA A 39 -17.12 -22.82 0.77
N VAL A 40 -18.20 -22.16 0.34
CA VAL A 40 -18.43 -21.93 -1.09
C VAL A 40 -17.39 -20.97 -1.61
N ARG A 41 -17.16 -19.90 -0.87
CA ARG A 41 -16.12 -18.95 -1.25
C ARG A 41 -14.76 -19.65 -1.38
N ASP A 42 -14.46 -20.53 -0.45
CA ASP A 42 -13.16 -21.23 -0.51
C ASP A 42 -13.04 -22.13 -1.72
N LEU A 43 -14.08 -22.95 -1.96
CA LEU A 43 -14.14 -23.74 -3.17
C LEU A 43 -13.99 -22.91 -4.44
N LEU A 44 -14.68 -21.78 -4.56
CA LEU A 44 -14.56 -20.95 -5.78
C LEU A 44 -13.16 -20.35 -5.94
N ASN A 45 -12.47 -20.16 -4.81
CA ASN A 45 -11.08 -19.72 -4.82
C ASN A 45 -10.05 -20.84 -4.93
N GLY A 46 -10.51 -22.08 -5.10
CA GLY A 46 -9.61 -23.19 -5.39
C GLY A 46 -8.98 -23.80 -4.15
N VAL A 47 -9.65 -23.71 -3.00
CA VAL A 47 -9.12 -24.23 -1.74
C VAL A 47 -10.12 -25.14 -1.04
N LYS A 48 -9.65 -26.27 -0.54
CA LYS A 48 -10.53 -27.18 0.17
C LYS A 48 -10.94 -26.50 1.48
N PRO A 49 -12.24 -26.36 1.75
CA PRO A 49 -12.68 -25.68 2.98
C PRO A 49 -12.62 -26.63 4.17
N GLN A 50 -12.40 -26.09 5.35
CA GLN A 50 -12.61 -26.82 6.61
C GLN A 50 -13.82 -26.25 7.37
N ASP A 51 -14.37 -27.01 8.30
CA ASP A 51 -15.48 -26.54 9.11
C ASP A 51 -16.64 -26.01 8.26
N ILE A 52 -17.13 -26.85 7.35
CA ILE A 52 -18.10 -26.43 6.39
C ILE A 52 -19.43 -26.15 7.10
N ASP A 53 -20.11 -25.08 6.72
CA ASP A 53 -21.51 -24.90 7.12
C ASP A 53 -22.43 -25.45 6.02
N PHE A 54 -23.25 -26.41 6.37
CA PHE A 54 -24.26 -26.91 5.41
C PHE A 54 -25.60 -26.20 5.79
N ALA A 55 -26.46 -26.03 4.79
CA ALA A 55 -27.72 -25.36 4.90
C ALA A 55 -28.81 -26.28 4.35
N THR A 56 -30.00 -26.19 4.94
CA THR A 56 -31.08 -27.02 4.54
C THR A 56 -32.42 -26.36 4.73
N THR A 57 -33.41 -26.89 4.01
CA THR A 57 -34.78 -26.43 4.16
C THR A 57 -35.45 -27.19 5.31
N ALA A 58 -34.86 -28.31 5.74
CA ALA A 58 -35.43 -29.05 6.88
C ALA A 58 -35.33 -28.24 8.15
N THR A 59 -36.38 -28.26 8.97
CA THR A 59 -36.28 -27.53 10.25
C THR A 59 -35.41 -28.35 11.22
N PRO A 60 -34.98 -27.73 12.33
CA PRO A 60 -34.21 -28.51 13.31
C PRO A 60 -35.00 -29.70 13.87
N THR A 61 -36.29 -29.53 14.15
CA THR A 61 -37.07 -30.69 14.59
C THR A 61 -37.13 -31.82 13.57
N GLN A 62 -37.30 -31.50 12.28
CA GLN A 62 -37.28 -32.53 11.24
C GLN A 62 -35.92 -33.23 11.17
N MET A 63 -34.83 -32.46 11.25
CA MET A 63 -33.49 -33.08 11.25
C MET A 63 -33.28 -34.02 12.45
N LYS A 64 -33.58 -33.56 13.66
CA LYS A 64 -33.57 -34.45 14.84
C LYS A 64 -34.34 -35.72 14.63
N GLU A 65 -35.58 -35.61 14.16
CA GLU A 65 -36.39 -36.78 13.96
C GLU A 65 -35.78 -37.72 12.92
N MET A 66 -35.28 -37.15 11.84
CA MET A 66 -34.71 -37.92 10.77
C MET A 66 -33.46 -38.63 11.25
N PHE A 67 -32.60 -37.92 11.99
CA PHE A 67 -31.37 -38.54 12.44
C PHE A 67 -31.67 -39.62 13.47
N GLN A 68 -32.60 -39.33 14.37
CA GLN A 68 -33.04 -40.33 15.32
C GLN A 68 -33.52 -41.60 14.64
N SER A 69 -34.40 -41.48 13.65
CA SER A 69 -34.92 -42.68 13.00
C SER A 69 -33.92 -43.41 12.15
N ALA A 70 -32.88 -42.71 11.70
CA ALA A 70 -31.85 -43.32 10.84
C ALA A 70 -30.69 -43.90 11.64
N GLY A 71 -30.73 -43.72 12.97
CA GLY A 71 -29.73 -44.30 13.86
C GLY A 71 -28.46 -43.46 13.82
N ILE A 72 -28.61 -42.18 13.53
CA ILE A 72 -27.47 -41.25 13.41
C ILE A 72 -27.32 -40.37 14.66
N ARG A 73 -26.13 -40.42 15.22
CA ARG A 73 -25.77 -39.73 16.44
C ARG A 73 -25.66 -38.24 16.21
N MET A 74 -26.19 -37.47 17.14
CA MET A 74 -26.06 -36.03 17.06
C MET A 74 -25.21 -35.59 18.21
N ILE A 75 -24.51 -34.49 17.99
CA ILE A 75 -23.56 -33.92 18.93
C ILE A 75 -23.92 -32.46 19.24
N ASN A 76 -23.53 -31.98 20.42
CA ASN A 76 -23.63 -30.55 20.78
C ASN A 76 -25.05 -30.03 20.91
N GLY A 83 -30.84 -22.89 15.27
CA GLY A 83 -31.27 -23.66 14.10
C GLY A 83 -30.22 -24.63 13.51
N THR A 84 -29.19 -24.93 14.30
CA THR A 84 -28.12 -25.84 13.86
C THR A 84 -28.19 -27.22 14.54
N ILE A 85 -28.01 -28.30 13.77
CA ILE A 85 -27.90 -29.66 14.31
C ILE A 85 -26.56 -30.24 13.75
N THR A 86 -25.83 -30.97 14.58
CA THR A 86 -24.58 -31.57 14.16
C THR A 86 -24.72 -33.04 14.24
N ALA A 87 -24.58 -33.68 13.09
CA ALA A 87 -24.71 -35.11 13.00
C ALA A 87 -23.33 -35.73 12.79
N ARG A 88 -23.15 -36.95 13.25
CA ARG A 88 -21.88 -37.65 13.06
C ARG A 88 -22.14 -38.91 12.24
N LEU A 89 -21.53 -39.03 11.06
CA LEU A 89 -21.67 -40.20 10.22
C LEU A 89 -20.26 -40.60 9.81
N HIS A 90 -19.95 -41.89 9.92
CA HIS A 90 -18.66 -42.47 9.48
C HIS A 90 -17.51 -41.66 10.05
N GLU A 91 -17.55 -41.52 11.36
CA GLU A 91 -16.51 -40.86 12.11
C GLU A 91 -16.23 -39.42 11.70
N GLU A 92 -17.23 -38.69 11.21
CA GLU A 92 -17.04 -37.29 10.77
C GLU A 92 -18.28 -36.51 11.19
N ASN A 93 -18.09 -35.26 11.60
CA ASN A 93 -19.18 -34.40 12.04
C ASN A 93 -19.65 -33.48 10.93
N PHE A 94 -20.95 -33.21 10.88
CA PHE A 94 -21.49 -32.31 9.88
C PHE A 94 -22.45 -31.35 10.56
N GLU A 95 -22.16 -30.08 10.43
CA GLU A 95 -22.96 -29.03 11.06
C GLU A 95 -23.90 -28.41 10.02
N ILE A 96 -25.20 -28.60 10.24
CA ILE A 96 -26.22 -28.30 9.30
C ILE A 96 -27.22 -27.30 9.93
N THR A 97 -27.46 -26.20 9.23
CA THR A 97 -28.30 -25.14 9.73
C THR A 97 -29.50 -24.89 8.83
N THR A 98 -30.69 -24.82 9.42
CA THR A 98 -31.93 -24.50 8.69
C THR A 98 -31.85 -23.04 8.19
N LEU A 99 -32.25 -22.81 6.95
CA LEU A 99 -32.39 -21.49 6.35
C LEU A 99 -33.27 -20.60 7.27
N ARG A 100 -32.90 -19.33 7.43
CA ARG A 100 -33.63 -18.49 8.35
C ARG A 100 -33.61 -17.05 7.93
N ILE A 101 -34.60 -16.34 8.49
CA ILE A 101 -34.77 -14.92 8.32
C ILE A 101 -34.77 -14.32 9.72
N ASP A 102 -34.14 -13.16 9.86
CA ASP A 102 -34.08 -12.50 11.17
C ASP A 102 -35.36 -11.71 11.38
N VAL A 103 -35.88 -11.75 12.60
CA VAL A 103 -37.05 -10.98 12.93
C VAL A 103 -36.62 -9.74 13.73
N THR A 104 -37.09 -8.58 13.32
CA THR A 104 -36.75 -7.34 14.03
C THR A 104 -37.53 -7.24 15.29
N THR A 105 -36.76 -7.10 16.37
CA THR A 105 -37.27 -7.10 17.72
C THR A 105 -36.77 -5.84 18.44
N ASP A 106 -37.44 -5.46 19.52
CA ASP A 106 -36.98 -4.34 20.34
C ASP A 106 -36.16 -4.92 21.50
N GLY A 107 -36.62 -6.03 22.08
CA GLY A 107 -35.97 -6.65 23.24
C GLY A 107 -34.95 -7.74 22.91
N ALA A 110 -33.28 -11.74 20.36
CA ALA A 110 -32.93 -12.25 19.03
C ALA A 110 -33.85 -13.39 18.60
N GLU A 111 -34.42 -13.28 17.42
CA GLU A 111 -35.45 -14.22 17.02
C GLU A 111 -35.32 -14.45 15.54
N VAL A 112 -35.56 -15.67 15.09
CA VAL A 112 -35.53 -15.95 13.68
C VAL A 112 -36.82 -16.65 13.30
N GLU A 113 -37.08 -16.71 11.98
CA GLU A 113 -38.16 -17.52 11.42
C GLU A 113 -37.49 -18.42 10.42
N PHE A 114 -37.75 -19.71 10.44
CA PHE A 114 -37.21 -20.63 9.44
C PHE A 114 -37.94 -20.41 8.12
N THR A 115 -37.24 -20.70 7.06
CA THR A 115 -37.75 -20.48 5.72
C THR A 115 -37.23 -21.61 4.81
N THR A 116 -37.88 -21.78 3.66
CA THR A 116 -37.33 -22.68 2.64
C THR A 116 -36.88 -21.86 1.42
N ASP A 117 -36.87 -20.55 1.54
CA ASP A 117 -36.48 -19.61 0.48
C ASP A 117 -34.96 -19.33 0.60
N TRP A 118 -34.19 -19.92 -0.30
CA TRP A 118 -32.72 -19.81 -0.29
C TRP A 118 -32.29 -18.36 -0.47
N GLN A 119 -33.01 -17.63 -1.30
CA GLN A 119 -32.64 -16.26 -1.59
C GLN A 119 -32.77 -15.37 -0.30
N LYS A 120 -33.79 -15.65 0.51
CA LYS A 120 -33.99 -14.93 1.77
C LYS A 120 -32.90 -15.19 2.79
N ASP A 121 -32.44 -16.43 2.86
CA ASP A 121 -31.33 -16.75 3.71
C ASP A 121 -30.02 -16.10 3.19
N ALA A 122 -29.83 -16.09 1.89
CA ALA A 122 -28.68 -15.37 1.30
C ALA A 122 -28.68 -13.89 1.64
N GLU A 123 -29.86 -13.25 1.59
CA GLU A 123 -29.97 -11.85 1.89
C GLU A 123 -29.60 -11.53 3.36
N ARG A 124 -29.71 -12.51 4.26
CA ARG A 124 -29.34 -12.38 5.67
C ARG A 124 -27.79 -12.32 5.85
N ARG A 125 -27.06 -12.87 4.91
CA ARG A 125 -25.61 -12.97 5.02
C ARG A 125 -24.90 -11.62 4.70
N ASP A 126 -23.66 -11.52 5.11
CA ASP A 126 -23.00 -10.22 5.23
C ASP A 126 -22.48 -9.75 3.86
N LEU A 127 -21.54 -10.50 3.31
CA LEU A 127 -20.80 -10.10 2.12
C LEU A 127 -21.26 -10.92 0.93
N THR A 128 -21.26 -10.33 -0.26
CA THR A 128 -21.73 -11.05 -1.42
C THR A 128 -20.93 -12.36 -1.67
N ILE A 129 -19.63 -12.36 -1.40
CA ILE A 129 -18.81 -13.55 -1.64
C ILE A 129 -19.12 -14.67 -0.62
N ASN A 130 -19.82 -14.33 0.45
CA ASN A 130 -20.19 -15.32 1.50
C ASN A 130 -21.67 -15.66 1.51
N SER A 131 -22.39 -15.22 0.47
CA SER A 131 -23.84 -15.37 0.42
C SER A 131 -24.37 -16.44 -0.53
N MET A 132 -23.46 -17.30 -0.99
CA MET A 132 -23.75 -18.26 -2.06
C MET A 132 -23.94 -19.66 -1.52
N PHE A 133 -24.58 -20.52 -2.32
CA PHE A 133 -24.73 -21.93 -1.97
C PHE A 133 -24.22 -22.79 -3.10
N LEU A 134 -23.79 -23.98 -2.77
CA LEU A 134 -23.35 -24.93 -3.76
C LEU A 134 -24.09 -26.27 -3.58
N GLY A 135 -24.71 -26.75 -4.66
CA GLY A 135 -25.27 -28.09 -4.66
C GLY A 135 -24.18 -29.12 -4.74
N PHE A 136 -24.51 -30.36 -4.37
CA PHE A 136 -23.47 -31.38 -4.36
C PHE A 136 -23.12 -31.87 -5.76
N ASP A 137 -23.91 -31.44 -6.74
CA ASP A 137 -23.57 -31.68 -8.15
C ASP A 137 -22.59 -30.62 -8.69
N GLY A 138 -22.39 -29.56 -7.93
CA GLY A 138 -21.58 -28.44 -8.35
C GLY A 138 -22.32 -27.22 -8.90
N THR A 139 -23.65 -27.25 -8.85
CA THR A 139 -24.45 -26.05 -9.19
C THR A 139 -24.25 -24.94 -8.16
N LEU A 140 -23.90 -23.76 -8.66
CA LEU A 140 -23.76 -22.57 -7.82
C LEU A 140 -25.06 -21.77 -7.77
N PHE A 141 -25.53 -21.46 -6.55
CA PHE A 141 -26.70 -20.63 -6.35
C PHE A 141 -26.23 -19.29 -5.82
N ASP A 142 -26.39 -18.25 -6.64
CA ASP A 142 -25.79 -16.95 -6.38
C ASP A 142 -26.82 -15.90 -6.66
N TYR A 143 -27.32 -15.26 -5.61
CA TYR A 143 -28.42 -14.28 -5.71
C TYR A 143 -27.95 -12.85 -5.64
N PHE A 144 -26.68 -12.61 -5.32
CA PHE A 144 -26.22 -11.24 -5.11
C PHE A 144 -24.92 -10.91 -5.83
N ASN A 145 -24.71 -11.53 -6.98
CA ASN A 145 -23.49 -11.31 -7.77
C ASN A 145 -22.18 -11.66 -7.06
N GLY A 146 -22.23 -12.67 -6.21
CA GLY A 146 -21.08 -13.03 -5.41
C GLY A 146 -19.96 -13.60 -6.24
N TYR A 147 -20.31 -14.37 -7.25
CA TYR A 147 -19.31 -15.00 -8.11
C TYR A 147 -18.52 -13.95 -8.87
N GLU A 148 -19.23 -13.01 -9.50
CA GLU A 148 -18.58 -11.91 -10.20
C GLU A 148 -17.72 -11.07 -9.25
N ASP A 149 -18.25 -10.78 -8.06
CA ASP A 149 -17.52 -9.99 -7.09
C ASP A 149 -16.24 -10.72 -6.67
N LEU A 150 -16.32 -12.03 -6.48
CA LEU A 150 -15.17 -12.80 -6.09
C LEU A 150 -14.08 -12.72 -7.17
N LYS A 151 -14.51 -12.95 -8.41
CA LYS A 151 -13.57 -12.88 -9.54
C LYS A 151 -12.98 -11.52 -9.74
N ASN A 152 -13.75 -10.47 -9.46
CA ASN A 152 -13.25 -9.10 -9.64
C ASN A 152 -12.55 -8.62 -8.34
N LYS A 153 -12.41 -9.50 -7.38
CA LYS A 153 -11.84 -9.18 -6.06
C LYS A 153 -12.52 -8.04 -5.33
N LYS A 154 -13.83 -8.09 -5.26
CA LYS A 154 -14.58 -7.00 -4.62
C LYS A 154 -15.17 -7.54 -3.34
N VAL A 155 -14.96 -6.83 -2.25
CA VAL A 155 -15.53 -7.26 -0.96
C VAL A 155 -16.65 -6.24 -0.67
N ARG A 156 -17.90 -6.68 -0.85
CA ARG A 156 -19.06 -5.79 -0.87
C ARG A 156 -20.18 -6.39 -0.04
N PHE A 157 -20.86 -5.53 0.72
CA PHE A 157 -21.97 -6.00 1.56
C PHE A 157 -23.19 -6.33 0.70
N VAL A 158 -23.93 -7.33 1.11
CA VAL A 158 -25.28 -7.49 0.61
C VAL A 158 -26.10 -6.39 1.21
N GLY A 159 -26.69 -5.51 0.38
CA GLY A 159 -27.40 -4.34 0.86
C GLY A 159 -26.41 -3.19 1.14
N HIS A 160 -26.74 -2.28 2.03
CA HIS A 160 -25.90 -1.10 2.29
C HIS A 160 -24.92 -1.30 3.44
N ALA A 161 -23.66 -0.93 3.22
CA ALA A 161 -22.60 -1.17 4.21
C ALA A 161 -22.97 -0.65 5.60
N LYS A 162 -23.42 0.60 5.67
CA LYS A 162 -23.76 1.19 6.95
C LYS A 162 -24.80 0.34 7.69
N GLN A 163 -25.85 -0.06 7.01
CA GLN A 163 -26.89 -0.80 7.67
C GLN A 163 -26.36 -2.17 8.15
N ARG A 164 -25.55 -2.85 7.32
CA ARG A 164 -25.14 -4.18 7.70
C ARG A 164 -24.15 -4.08 8.88
N ILE A 165 -23.27 -3.07 8.84
CA ILE A 165 -22.35 -2.86 9.94
C ILE A 165 -23.05 -2.57 11.26
N GLN A 166 -24.07 -1.72 11.22
CA GLN A 166 -24.83 -1.37 12.43
C GLN A 166 -25.64 -2.54 13.01
N GLU A 167 -25.94 -3.56 12.20
CA GLU A 167 -26.49 -4.81 12.68
C GLU A 167 -25.52 -5.72 13.46
N ASP A 168 -24.21 -5.64 13.16
CA ASP A 168 -23.16 -6.43 13.85
C ASP A 168 -21.85 -5.78 13.61
N TYR A 169 -21.38 -4.97 14.58
CA TYR A 169 -20.20 -4.16 14.29
C TYR A 169 -18.95 -4.99 14.00
N LEU A 170 -18.94 -6.24 14.44
CA LEU A 170 -17.82 -7.13 14.10
C LEU A 170 -17.61 -7.26 12.57
N ARG A 171 -18.66 -6.96 11.78
CA ARG A 171 -18.51 -7.01 10.33
C ARG A 171 -17.48 -6.02 9.77
N ILE A 172 -17.11 -5.00 10.57
CA ILE A 172 -15.97 -4.14 10.21
C ILE A 172 -14.71 -4.98 10.06
N LEU A 173 -14.42 -5.82 11.05
CA LEU A 173 -13.22 -6.69 11.03
C LEU A 173 -13.33 -7.77 9.94
N ARG A 174 -14.54 -8.29 9.71
CA ARG A 174 -14.75 -9.25 8.64
C ARG A 174 -14.44 -8.65 7.28
N TYR A 175 -14.84 -7.39 7.09
CA TYR A 175 -14.48 -6.68 5.85
C TYR A 175 -12.98 -6.76 5.64
N PHE A 176 -12.21 -6.33 6.63
CA PHE A 176 -10.74 -6.36 6.54
C PHE A 176 -10.19 -7.74 6.26
N ARG A 177 -10.65 -8.72 7.02
CA ARG A 177 -10.19 -10.08 6.85
C ARG A 177 -10.42 -10.63 5.44
N PHE A 178 -11.59 -10.47 4.88
CA PHE A 178 -11.88 -10.99 3.55
C PHE A 178 -11.22 -10.18 2.43
N TYR A 179 -11.01 -8.90 2.70
CA TYR A 179 -10.23 -8.08 1.80
C TYR A 179 -8.82 -8.68 1.70
N GLY A 180 -8.19 -8.99 2.84
CA GLY A 180 -6.85 -9.58 2.82
C GLY A 180 -6.88 -10.91 2.12
N ARG A 181 -7.97 -11.63 2.30
CA ARG A 181 -8.05 -12.98 1.79
C ARG A 181 -8.20 -13.08 0.30
N ILE A 182 -8.84 -12.10 -0.34
CA ILE A 182 -9.16 -12.25 -1.76
C ILE A 182 -8.39 -11.26 -2.67
N VAL A 183 -7.91 -10.17 -2.12
CA VAL A 183 -7.36 -9.13 -2.98
C VAL A 183 -5.91 -9.46 -3.35
N ASP A 184 -5.53 -9.10 -4.55
CA ASP A 184 -4.14 -9.35 -4.95
C ASP A 184 -3.27 -8.12 -4.66
N LYS A 185 -3.60 -6.98 -5.25
CA LYS A 185 -2.85 -5.75 -5.01
C LYS A 185 -3.74 -4.80 -4.24
N PRO A 186 -3.44 -4.59 -2.97
CA PRO A 186 -4.33 -3.78 -2.14
C PRO A 186 -4.35 -2.33 -2.54
N GLY A 187 -5.44 -1.64 -2.25
CA GLY A 187 -5.45 -0.20 -2.46
C GLY A 187 -6.79 0.34 -2.85
N ASP A 188 -7.52 -0.40 -3.69
CA ASP A 188 -8.85 0.01 -4.12
C ASP A 188 -9.87 -0.39 -3.03
N HIS A 189 -10.53 0.59 -2.41
CA HIS A 189 -11.63 0.30 -1.49
C HIS A 189 -12.80 1.20 -1.86
N ASP A 190 -14.00 0.68 -1.72
CA ASP A 190 -15.18 1.45 -2.05
C ASP A 190 -15.29 2.59 -1.02
N PRO A 191 -15.39 3.83 -1.48
CA PRO A 191 -15.44 4.89 -0.46
C PRO A 191 -16.62 4.84 0.49
N GLU A 192 -17.80 4.39 0.03
CA GLU A 192 -19.01 4.24 0.90
C GLU A 192 -18.71 3.24 2.01
N THR A 193 -17.95 2.20 1.71
CA THR A 193 -17.57 1.21 2.75
C THR A 193 -16.59 1.76 3.78
N LEU A 194 -15.52 2.42 3.33
CA LEU A 194 -14.62 3.06 4.24
C LEU A 194 -15.32 4.12 5.12
N GLU A 195 -16.23 4.87 4.52
CA GLU A 195 -16.99 5.88 5.26
C GLU A 195 -17.82 5.18 6.39
N ALA A 196 -18.54 4.11 6.03
CA ALA A 196 -19.31 3.32 6.97
C ALA A 196 -18.47 2.76 8.11
N ILE A 197 -17.28 2.28 7.80
CA ILE A 197 -16.37 1.79 8.83
C ILE A 197 -15.87 2.89 9.74
N ALA A 198 -15.43 4.00 9.18
CA ALA A 198 -14.90 5.11 9.98
C ALA A 198 -16.00 5.71 10.92
N GLU A 199 -17.19 5.89 10.37
CA GLU A 199 -18.29 6.43 11.15
C GLU A 199 -18.79 5.51 12.25
N ASN A 200 -18.61 4.20 12.09
CA ASN A 200 -19.14 3.19 13.02
C ASN A 200 -18.11 2.41 13.80
N ALA A 201 -16.85 2.81 13.71
CA ALA A 201 -15.79 2.10 14.36
C ALA A 201 -16.05 1.97 15.86
N LYS A 202 -16.58 3.04 16.44
CA LYS A 202 -16.85 3.12 17.89
C LYS A 202 -17.80 2.01 18.33
N GLY A 203 -18.69 1.55 17.42
CA GLY A 203 -19.55 0.40 17.70
C GLY A 203 -18.83 -0.88 18.09
N LEU A 204 -17.59 -1.03 17.64
CA LEU A 204 -16.77 -2.16 18.09
C LEU A 204 -16.51 -2.22 19.62
N ALA A 205 -16.63 -1.07 20.29
CA ALA A 205 -16.42 -1.01 21.72
C ALA A 205 -17.49 -1.80 22.41
N GLY A 206 -18.61 -2.04 21.73
CA GLY A 206 -19.70 -2.80 22.34
C GLY A 206 -19.61 -4.32 22.05
N ILE A 207 -18.65 -4.74 21.25
CA ILE A 207 -18.47 -6.14 20.90
C ILE A 207 -17.52 -6.88 21.89
N SER A 208 -17.86 -8.11 22.29
CA SER A 208 -17.02 -8.89 23.21
C SER A 208 -15.56 -9.02 22.74
N GLY A 209 -14.63 -9.01 23.70
CA GLY A 209 -13.26 -9.20 23.37
C GLY A 209 -13.01 -10.55 22.68
N GLU A 210 -13.73 -11.59 23.08
CA GLU A 210 -13.58 -12.92 22.50
C GLU A 210 -13.88 -12.93 21.01
N ARG A 211 -15.00 -12.36 20.61
CA ARG A 211 -15.34 -12.30 19.21
C ARG A 211 -14.36 -11.51 18.40
N ILE A 212 -13.93 -10.36 18.93
CA ILE A 212 -12.92 -9.57 18.24
C ILE A 212 -11.62 -10.34 18.06
N TRP A 213 -11.20 -11.04 19.08
CA TRP A 213 -9.88 -11.70 19.07
C TRP A 213 -9.87 -12.80 18.03
N VAL A 214 -10.97 -13.54 17.90
CA VAL A 214 -11.05 -14.53 16.82
C VAL A 214 -10.79 -13.95 15.44
N GLU A 215 -11.45 -12.86 15.10
CA GLU A 215 -11.26 -12.20 13.81
C GLU A 215 -9.88 -11.56 13.66
N LEU A 216 -9.43 -10.85 14.68
CA LEU A 216 -8.13 -10.23 14.60
C LEU A 216 -6.99 -11.24 14.36
N LYS A 217 -7.06 -12.36 15.01
CA LYS A 217 -6.05 -13.41 14.81
C LYS A 217 -6.07 -13.87 13.37
N LYS A 218 -7.25 -14.02 12.76
CA LYS A 218 -7.31 -14.38 11.32
C LYS A 218 -6.69 -13.31 10.45
N ILE A 219 -6.95 -12.05 10.75
CA ILE A 219 -6.32 -10.98 10.00
C ILE A 219 -4.79 -11.01 10.15
N LEU A 220 -4.33 -11.23 11.37
CA LEU A 220 -2.87 -11.23 11.60
C LEU A 220 -2.09 -12.36 10.91
N VAL A 221 -2.68 -13.54 10.75
CA VAL A 221 -2.01 -14.66 10.04
C VAL A 221 -2.40 -14.78 8.58
N GLY A 222 -3.21 -13.85 8.10
CA GLY A 222 -3.69 -13.88 6.72
C GLY A 222 -2.83 -13.03 5.80
N ASN A 223 -3.23 -12.89 4.54
CA ASN A 223 -2.47 -12.12 3.58
C ASN A 223 -2.69 -10.61 3.77
N HIS A 224 -1.70 -9.83 3.35
CA HIS A 224 -1.82 -8.37 3.35
C HIS A 224 -2.04 -7.79 4.74
N VAL A 225 -1.48 -8.47 5.72
CA VAL A 225 -1.60 -7.98 7.10
C VAL A 225 -1.02 -6.58 7.29
N ASN A 226 0.04 -6.24 6.55
CA ASN A 226 0.60 -4.89 6.68
C ASN A 226 -0.42 -3.82 6.23
N HIS A 227 -1.00 -4.00 5.04
CA HIS A 227 -2.02 -3.09 4.55
C HIS A 227 -3.17 -2.99 5.57
N LEU A 228 -3.62 -4.11 6.08
CA LEU A 228 -4.81 -4.13 6.90
C LEU A 228 -4.60 -3.53 8.27
N ILE A 229 -3.43 -3.75 8.89
CA ILE A 229 -3.16 -3.11 10.19
C ILE A 229 -3.07 -1.59 9.98
N HIS A 230 -2.43 -1.16 8.90
CA HIS A 230 -2.38 0.25 8.62
C HIS A 230 -3.80 0.82 8.44
N LEU A 231 -4.65 0.09 7.74
CA LEU A 231 -5.99 0.60 7.52
C LEU A 231 -6.82 0.69 8.83
N ILE A 232 -6.60 -0.29 9.69
CA ILE A 232 -7.19 -0.33 11.02
C ILE A 232 -6.79 0.88 11.85
N TYR A 233 -5.53 1.27 11.76
CA TYR A 233 -5.13 2.50 12.39
C TYR A 233 -5.66 3.70 11.66
N ASP A 234 -5.64 3.67 10.32
CA ASP A 234 -5.97 4.88 9.56
C ASP A 234 -7.47 5.25 9.72
N LEU A 235 -8.31 4.26 9.93
CA LEU A 235 -9.76 4.47 10.06
C LEU A 235 -10.20 4.54 11.56
N ASP A 236 -9.22 4.55 12.47
CA ASP A 236 -9.43 4.66 13.93
C ASP A 236 -10.29 3.54 14.49
N VAL A 237 -10.07 2.35 13.95
CA VAL A 237 -10.61 1.10 14.48
C VAL A 237 -9.74 0.61 15.63
N ALA A 238 -8.42 0.84 15.51
CA ALA A 238 -7.49 0.33 16.53
C ALA A 238 -7.85 0.51 18.01
N PRO A 239 -8.21 1.72 18.46
CA PRO A 239 -8.55 1.96 19.88
C PRO A 239 -9.68 1.09 20.43
N TYR A 240 -10.61 0.71 19.56
CA TYR A 240 -11.82 -0.01 19.99
C TYR A 240 -11.66 -1.52 20.02
N ILE A 241 -10.51 -1.98 19.58
CA ILE A 241 -10.18 -3.40 19.54
C ILE A 241 -8.94 -3.74 20.37
N GLY A 242 -8.61 -2.90 21.35
CA GLY A 242 -7.60 -3.26 22.31
C GLY A 242 -6.13 -3.03 21.86
N LEU A 243 -5.95 -2.37 20.73
CA LEU A 243 -4.62 -1.98 20.19
C LEU A 243 -4.18 -0.62 20.76
N PRO A 244 -2.87 -0.43 21.04
CA PRO A 244 -2.47 0.89 21.62
C PRO A 244 -2.58 1.99 20.62
N ALA A 245 -3.04 3.15 21.04
CA ALA A 245 -3.42 4.21 20.10
C ALA A 245 -2.21 4.81 19.38
N ASN A 246 -1.10 4.86 20.12
CA ASN A 246 0.17 5.31 19.61
C ASN A 246 1.16 4.12 19.49
N ALA A 247 0.92 3.26 18.52
CA ALA A 247 1.79 2.11 18.30
C ALA A 247 3.04 2.55 17.50
N SER A 248 4.10 1.72 17.47
CA SER A 248 5.23 2.05 16.59
C SER A 248 4.91 1.34 15.33
N LEU A 249 4.31 2.10 14.42
CA LEU A 249 4.07 1.49 13.13
C LEU A 249 5.39 1.21 12.42
N GLU A 250 6.47 1.93 12.72
CA GLU A 250 7.75 1.64 12.09
C GLU A 250 8.24 0.25 12.48
N GLU A 251 8.09 -0.09 13.76
CA GLU A 251 8.46 -1.42 14.23
C GLU A 251 7.55 -2.48 13.62
N PHE A 252 6.25 -2.20 13.56
CA PHE A 252 5.33 -3.10 12.88
C PHE A 252 5.74 -3.33 11.42
N ASP A 253 6.19 -2.28 10.72
CA ASP A 253 6.59 -2.45 9.32
C ASP A 253 7.83 -3.38 9.22
N LYS A 254 8.74 -3.21 10.13
CA LYS A 254 9.95 -4.04 10.14
C LYS A 254 9.61 -5.48 10.46
N VAL A 255 8.80 -5.67 11.48
CA VAL A 255 8.48 -7.01 11.94
C VAL A 255 7.58 -7.75 10.95
N SER A 256 6.60 -7.06 10.34
CA SER A 256 5.77 -7.74 9.38
C SER A 256 6.61 -8.23 8.18
N LYS A 257 7.64 -7.50 7.77
CA LYS A 257 8.59 -7.97 6.78
C LYS A 257 9.40 -9.17 7.30
N ASN A 258 9.89 -9.05 8.54
CA ASN A 258 10.62 -10.15 9.20
C ASN A 258 9.86 -11.50 9.23
N VAL A 259 8.58 -11.51 9.56
CA VAL A 259 7.87 -12.75 9.79
C VAL A 259 7.20 -13.36 8.56
N ASP A 260 7.18 -12.56 7.49
CA ASP A 260 6.46 -12.90 6.25
C ASP A 260 7.03 -14.20 5.68
N GLY A 261 6.20 -15.24 5.57
CA GLY A 261 6.64 -16.51 4.98
C GLY A 261 7.04 -17.48 6.08
N PHE A 262 6.98 -17.06 7.35
CA PHE A 262 7.48 -17.94 8.41
C PHE A 262 6.47 -18.29 9.47
N SER A 263 5.22 -18.13 9.09
CA SER A 263 4.09 -18.60 9.90
C SER A 263 4.14 -18.09 11.35
N PRO A 264 4.16 -16.79 11.52
CA PRO A 264 4.16 -16.24 12.89
C PRO A 264 2.91 -16.63 13.66
N LYS A 265 3.02 -16.84 14.96
CA LYS A 265 1.83 -16.83 15.79
C LYS A 265 1.28 -15.40 15.78
N PRO A 266 -0.05 -15.23 15.94
CA PRO A 266 -0.60 -13.88 15.84
C PRO A 266 -0.03 -12.89 16.85
N VAL A 267 0.22 -13.34 18.08
CA VAL A 267 0.79 -12.43 19.07
C VAL A 267 2.21 -11.97 18.72
N THR A 268 2.96 -12.80 18.01
CA THR A 268 4.31 -12.41 17.59
C THR A 268 4.28 -11.12 16.80
N LEU A 269 3.33 -11.07 15.87
CA LEU A 269 3.24 -9.90 14.99
C LEU A 269 2.60 -8.75 15.75
N LEU A 270 1.59 -9.04 16.56
CA LEU A 270 0.92 -8.00 17.34
C LEU A 270 1.85 -7.27 18.31
N ALA A 271 2.85 -8.00 18.83
CA ALA A 271 3.79 -7.45 19.81
C ALA A 271 4.65 -6.34 19.20
N SER A 272 4.74 -6.26 17.88
CA SER A 272 5.52 -5.18 17.29
C SER A 272 4.82 -3.84 17.48
N LEU A 273 3.53 -3.88 17.85
CA LEU A 273 2.78 -2.66 18.22
C LEU A 273 2.89 -2.24 19.71
N PHE A 274 3.41 -3.12 20.54
CA PHE A 274 3.58 -2.89 21.95
C PHE A 274 4.94 -2.23 22.29
N LYS A 275 4.92 -1.12 23.01
CA LYS A 275 6.17 -0.49 23.43
C LYS A 275 6.68 -1.11 24.73
N VAL A 276 5.73 -1.48 25.60
CA VAL A 276 6.09 -1.91 26.93
C VAL A 276 5.17 -3.04 27.32
N GLN A 277 5.56 -3.74 28.37
CA GLN A 277 4.82 -4.89 28.86
C GLN A 277 3.37 -4.53 29.17
N ASP A 278 3.15 -3.34 29.73
CA ASP A 278 1.78 -2.89 30.07
C ASP A 278 0.83 -2.91 28.86
N ASP A 279 1.36 -2.83 27.63
CA ASP A 279 0.44 -2.90 26.48
C ASP A 279 -0.10 -4.30 26.29
N VAL A 280 0.67 -5.31 26.70
CA VAL A 280 0.16 -6.70 26.61
C VAL A 280 -0.98 -6.83 27.63
N THR A 281 -0.75 -6.34 28.83
CA THR A 281 -1.71 -6.56 29.90
C THR A 281 -2.97 -5.78 29.57
N LYS A 282 -2.84 -4.65 28.88
CA LYS A 282 -4.02 -3.89 28.43
C LYS A 282 -4.75 -4.58 27.33
N LEU A 283 -4.02 -5.24 26.42
CA LEU A 283 -4.67 -5.97 25.37
C LEU A 283 -5.47 -7.16 25.95
N ASP A 284 -4.89 -7.83 26.94
CA ASP A 284 -5.51 -8.98 27.59
C ASP A 284 -6.82 -8.58 28.29
N LEU A 285 -6.84 -7.41 28.93
CA LEU A 285 -7.99 -6.95 29.66
C LEU A 285 -9.16 -6.77 28.69
N ARG A 286 -8.86 -6.33 27.47
CA ARG A 286 -9.85 -6.12 26.44
C ARG A 286 -10.23 -7.40 25.74
N LEU A 287 -9.22 -8.15 25.28
CA LEU A 287 -9.47 -9.26 24.37
C LEU A 287 -9.53 -10.64 25.03
N LYS A 288 -9.20 -10.73 26.32
CA LYS A 288 -9.36 -11.94 27.13
C LYS A 288 -8.59 -13.09 26.53
N ILE A 289 -7.31 -12.87 26.27
CA ILE A 289 -6.52 -13.82 25.50
C ILE A 289 -6.08 -15.02 26.39
N ALA A 290 -5.66 -16.11 25.74
CA ALA A 290 -5.17 -17.25 26.52
C ALA A 290 -3.87 -16.92 27.25
N LYS A 291 -3.67 -17.54 28.41
CA LYS A 291 -2.39 -17.46 29.12
C LYS A 291 -1.16 -17.59 28.22
N GLU A 292 -1.16 -18.55 27.30
CA GLU A 292 -0.02 -18.77 26.40
C GLU A 292 0.23 -17.58 25.50
N GLU A 293 -0.88 -16.98 25.08
CA GLU A 293 -0.83 -15.81 24.19
C GLU A 293 -0.24 -14.60 24.92
N LYS A 294 -0.72 -14.36 26.13
CA LYS A 294 -0.24 -13.26 26.94
C LYS A 294 1.26 -13.41 27.25
N ASN A 295 1.65 -14.61 27.65
CA ASN A 295 3.04 -14.87 28.04
C ASN A 295 3.98 -14.77 26.86
N LEU A 296 3.49 -15.12 25.69
CA LEU A 296 4.28 -14.91 24.47
C LEU A 296 4.52 -13.43 24.20
N GLY A 297 3.47 -12.63 24.28
CA GLY A 297 3.59 -11.21 24.13
C GLY A 297 4.55 -10.60 25.13
N LEU A 298 4.43 -10.95 26.42
CA LEU A 298 5.36 -10.43 27.41
C LEU A 298 6.78 -10.86 27.12
N PHE A 299 6.95 -12.10 26.67
CA PHE A 299 8.30 -12.62 26.38
C PHE A 299 9.02 -11.80 25.28
N ILE A 300 8.29 -11.53 24.19
CA ILE A 300 8.85 -10.79 23.07
C ILE A 300 9.16 -9.34 23.47
N VAL A 301 8.21 -8.69 24.14
CA VAL A 301 8.43 -7.31 24.53
C VAL A 301 9.64 -7.24 25.48
N LYS A 302 9.78 -8.23 26.36
CA LYS A 302 10.87 -8.23 27.34
C LYS A 302 12.20 -8.51 26.72
N ASN A 303 12.25 -9.41 25.74
CA ASN A 303 13.53 -9.96 25.28
C ASN A 303 13.96 -9.52 23.87
N ARG A 304 13.09 -8.84 23.13
CA ARG A 304 13.39 -8.53 21.74
C ARG A 304 14.68 -7.72 21.52
N LYS A 305 15.01 -6.80 22.43
CA LYS A 305 16.23 -5.96 22.28
C LYS A 305 17.51 -6.63 22.82
N ASP A 306 17.36 -7.45 23.86
CA ASP A 306 18.50 -8.03 24.55
C ASP A 306 18.85 -9.48 24.23
N LEU A 307 17.88 -10.32 23.94
CA LEU A 307 18.22 -11.72 23.64
C LEU A 307 18.43 -11.76 22.15
N ILE A 308 19.70 -11.67 21.74
CA ILE A 308 20.04 -11.52 20.32
C ILE A 308 21.23 -12.38 20.00
N LYS A 309 21.49 -12.59 18.71
CA LYS A 309 22.54 -13.55 18.34
C LYS A 309 23.91 -13.08 18.79
N ALA A 310 24.78 -14.02 19.09
CA ALA A 310 26.17 -13.72 19.39
C ALA A 310 26.84 -13.39 18.05
N THR A 311 27.70 -12.39 18.06
CA THR A 311 28.38 -12.01 16.83
C THR A 311 29.86 -12.31 17.00
N ASP A 312 30.54 -12.57 15.90
CA ASP A 312 31.96 -12.92 15.96
C ASP A 312 32.09 -14.15 16.86
N SER A 313 31.13 -15.07 16.74
CA SER A 313 31.06 -16.24 17.61
C SER A 313 31.07 -17.56 16.86
N SER A 314 31.34 -18.61 17.62
CA SER A 314 31.41 -19.98 17.11
C SER A 314 30.02 -20.56 17.03
N ASP A 315 29.11 -19.94 17.76
CA ASP A 315 27.74 -20.38 17.78
C ASP A 315 26.84 -19.15 18.03
N PRO A 316 26.40 -18.46 16.95
CA PRO A 316 25.47 -17.33 17.07
C PRO A 316 24.19 -17.65 17.80
N LEU A 317 23.83 -18.93 17.87
CA LEU A 317 22.57 -19.31 18.49
C LEU A 317 22.71 -19.48 20.02
N LYS A 318 23.94 -19.37 20.53
CA LYS A 318 24.22 -19.70 21.93
C LYS A 318 23.37 -18.94 22.93
N PRO A 319 23.16 -17.61 22.74
CA PRO A 319 22.31 -16.97 23.75
C PRO A 319 20.91 -17.55 23.83
N TYR A 320 20.39 -17.98 22.69
CA TYR A 320 19.05 -18.51 22.68
C TYR A 320 19.04 -19.90 23.28
N GLN A 321 20.05 -20.70 22.95
CA GLN A 321 20.22 -22.04 23.56
C GLN A 321 20.34 -21.97 25.08
N ASP A 322 21.10 -20.98 25.56
CA ASP A 322 21.26 -20.76 27.02
C ASP A 322 19.93 -20.50 27.66
N PHE A 323 19.16 -19.63 27.00
CA PHE A 323 17.88 -19.24 27.56
C PHE A 323 17.05 -20.50 27.67
N ILE A 324 17.12 -21.37 26.66
CA ILE A 324 16.30 -22.57 26.67
C ILE A 324 16.75 -23.61 27.71
N ILE A 325 18.06 -23.85 27.76
CA ILE A 325 18.59 -24.78 28.74
C ILE A 325 18.28 -24.31 30.16
N ASP A 326 18.46 -23.03 30.41
CA ASP A 326 18.21 -22.46 31.74
C ASP A 326 16.73 -22.29 32.08
N SER A 327 15.90 -22.59 31.07
N SER A 327 15.87 -22.54 31.10
CA SER A 327 14.42 -22.61 31.12
CA SER A 327 14.41 -22.36 31.25
C SER A 327 13.84 -21.36 30.42
C SER A 327 14.07 -20.89 31.54
N ASP A 331 8.01 -24.82 27.36
CA ASP A 331 7.38 -23.79 26.54
C ASP A 331 8.41 -22.79 25.94
N ALA A 332 9.64 -22.89 26.44
CA ALA A 332 10.72 -21.97 26.10
C ALA A 332 11.08 -21.99 24.61
N THR A 333 11.11 -23.17 24.03
CA THR A 333 11.54 -23.30 22.64
C THR A 333 10.55 -22.61 21.70
N THR A 334 9.27 -22.80 21.94
CA THR A 334 8.26 -22.14 21.14
C THR A 334 8.42 -20.61 21.18
N ARG A 335 8.63 -20.09 22.39
CA ARG A 335 8.80 -18.67 22.60
C ARG A 335 10.05 -18.16 21.95
N VAL A 336 11.15 -18.89 22.06
CA VAL A 336 12.35 -18.48 21.38
C VAL A 336 12.20 -18.49 19.85
N CYS A 337 11.57 -19.53 19.29
CA CYS A 337 11.39 -19.54 17.85
C CYS A 337 10.54 -18.35 17.39
N GLU A 338 9.49 -18.00 18.14
CA GLU A 338 8.72 -16.81 17.75
C GLU A 338 9.56 -15.55 17.78
N LEU A 339 10.41 -15.45 18.79
CA LEU A 339 11.33 -14.32 18.90
C LEU A 339 12.27 -14.24 17.68
N LEU A 340 12.77 -15.38 17.25
CA LEU A 340 13.66 -15.41 16.09
C LEU A 340 12.91 -14.97 14.81
N LYS A 341 11.65 -15.38 14.67
CA LYS A 341 10.82 -14.84 13.60
C LYS A 341 10.67 -13.31 13.71
N TYR A 342 10.29 -12.84 14.89
CA TYR A 342 10.10 -11.40 15.16
C TYR A 342 11.34 -10.64 14.70
N GLN A 343 12.51 -11.16 15.07
CA GLN A 343 13.80 -10.48 14.78
C GLN A 343 14.30 -10.70 13.33
N GLY A 344 13.59 -11.51 12.56
CA GLY A 344 14.00 -11.76 11.19
C GLY A 344 15.30 -12.55 11.06
N GLU A 345 15.55 -13.47 11.99
CA GLU A 345 16.77 -14.28 11.99
C GLU A 345 16.47 -15.56 11.24
N HIS A 346 16.23 -15.43 9.93
CA HIS A 346 15.77 -16.53 9.13
C HIS A 346 16.82 -17.66 9.14
N CYS A 347 18.10 -17.32 9.03
CA CYS A 347 19.16 -18.36 8.98
C CYS A 347 19.40 -19.09 10.33
N LEU A 348 18.73 -18.66 11.44
CA LEU A 348 18.84 -19.27 12.78
C LEU A 348 17.54 -19.94 13.22
N LEU A 349 16.42 -19.52 12.60
CA LEU A 349 15.12 -20.03 13.03
C LEU A 349 14.99 -21.56 12.86
N LYS A 350 15.27 -22.08 11.68
CA LYS A 350 15.11 -23.50 11.43
C LYS A 350 16.09 -24.31 12.27
N GLU A 351 17.31 -23.77 12.47
CA GLU A 351 18.31 -24.44 13.30
C GLU A 351 17.76 -24.66 14.70
N MET A 352 17.09 -23.63 15.22
CA MET A 352 16.57 -23.70 16.54
C MET A 352 15.39 -24.64 16.55
N GLN A 353 14.55 -24.60 15.51
CA GLN A 353 13.41 -25.55 15.49
C GLN A 353 13.86 -26.97 15.46
N GLN A 354 15.02 -27.22 14.88
CA GLN A 354 15.51 -28.58 14.73
C GLN A 354 16.48 -28.99 15.83
N TRP A 355 16.72 -28.13 16.78
CA TRP A 355 17.75 -28.41 17.77
C TRP A 355 17.12 -29.27 18.87
N SER A 356 17.63 -30.47 19.07
CA SER A 356 17.21 -31.27 20.23
C SER A 356 17.99 -30.81 21.45
N ILE A 357 17.31 -30.56 22.56
CA ILE A 357 17.98 -30.04 23.78
C ILE A 357 18.84 -31.18 24.32
N PRO A 358 20.15 -31.00 24.38
CA PRO A 358 20.92 -32.17 24.83
C PRO A 358 21.05 -32.22 26.35
N PRO A 359 20.89 -33.40 26.96
CA PRO A 359 21.28 -33.46 28.37
C PRO A 359 22.81 -33.36 28.50
N PHE A 360 23.28 -32.97 29.68
CA PHE A 360 24.70 -33.00 29.96
C PHE A 360 25.14 -34.44 29.82
N PRO A 361 26.16 -34.69 28.99
CA PRO A 361 26.33 -36.09 28.62
C PRO A 361 27.29 -36.87 29.46
N VAL A 362 27.79 -36.30 30.56
CA VAL A 362 28.76 -37.03 31.36
C VAL A 362 28.12 -37.29 32.72
N SER A 363 28.25 -38.52 33.21
CA SER A 363 27.66 -38.90 34.49
C SER A 363 28.75 -39.13 35.54
N GLY A 364 28.35 -39.23 36.81
CA GLY A 364 29.27 -39.58 37.88
C GLY A 364 30.02 -40.89 37.63
N HIS A 365 29.31 -41.88 37.09
CA HIS A 365 29.89 -43.18 36.76
C HIS A 365 31.01 -43.08 35.73
N ASP A 366 30.86 -42.18 34.78
CA ASP A 366 31.87 -41.97 33.73
C ASP A 366 33.15 -41.53 34.40
N ILE A 367 33.02 -40.67 35.41
CA ILE A 367 34.19 -40.20 36.14
C ILE A 367 34.74 -41.29 37.04
N ARG A 368 33.88 -42.10 37.66
CA ARG A 368 34.43 -43.17 38.47
C ARG A 368 35.28 -44.12 37.63
N LYS A 369 34.87 -44.32 36.39
CA LYS A 369 35.55 -45.20 35.46
C LYS A 369 36.96 -44.71 35.08
N VAL A 370 37.23 -43.41 35.17
CA VAL A 370 38.57 -42.91 34.86
C VAL A 370 39.46 -43.00 36.10
N GLY A 371 38.93 -43.53 37.20
CA GLY A 371 39.71 -43.78 38.40
C GLY A 371 39.43 -42.94 39.64
N ILE A 372 38.43 -42.07 39.58
CA ILE A 372 38.11 -41.18 40.70
C ILE A 372 37.07 -41.82 41.58
N SER A 373 37.26 -41.71 42.89
CA SER A 373 36.40 -42.38 43.84
C SER A 373 35.70 -41.43 44.80
N SER A 374 36.29 -40.26 44.99
CA SER A 374 35.76 -39.30 45.95
C SER A 374 34.54 -38.57 45.38
N GLY A 375 33.44 -38.49 46.13
CA GLY A 375 32.26 -37.73 45.71
C GLY A 375 32.58 -36.27 45.42
N LYS A 376 33.34 -35.62 46.30
CA LYS A 376 33.70 -34.21 46.09
C LYS A 376 34.49 -34.06 44.80
N GLU A 377 35.49 -34.91 44.61
CA GLU A 377 36.31 -34.84 43.40
C GLU A 377 35.47 -35.10 42.13
N ILE A 378 34.57 -36.09 42.18
CA ILE A 378 33.66 -36.34 41.07
C ILE A 378 32.79 -35.09 40.74
N GLY A 379 32.26 -34.44 41.77
CA GLY A 379 31.45 -33.25 41.57
C GLY A 379 32.28 -32.09 40.97
N ALA A 380 33.50 -31.93 41.47
CA ALA A 380 34.39 -30.89 40.94
C ALA A 380 34.69 -31.10 39.44
N LEU A 381 34.98 -32.33 39.05
CA LEU A 381 35.26 -32.67 37.68
C LEU A 381 34.06 -32.52 36.77
N LEU A 382 32.91 -32.97 37.23
CA LEU A 382 31.69 -32.77 36.46
C LEU A 382 31.41 -31.30 36.24
N GLN A 383 31.67 -30.49 37.25
CA GLN A 383 31.39 -29.05 37.13
C GLN A 383 32.30 -28.46 36.04
N GLN A 384 33.57 -28.85 36.05
CA GLN A 384 34.53 -28.40 35.04
C GLN A 384 34.04 -28.82 33.65
N LEU A 385 33.55 -30.05 33.53
CA LEU A 385 32.99 -30.52 32.27
C LEU A 385 31.69 -29.85 31.85
N ARG A 386 30.78 -29.56 32.78
CA ARG A 386 29.60 -28.76 32.41
C ARG A 386 29.95 -27.41 31.83
N GLU A 387 30.96 -26.76 32.42
CA GLU A 387 31.39 -25.45 31.94
C GLU A 387 31.96 -25.53 30.53
N GLN A 388 32.79 -26.54 30.25
CA GLN A 388 33.34 -26.73 28.92
C GLN A 388 32.20 -26.97 27.93
N TRP A 389 31.28 -27.81 28.33
CA TRP A 389 30.15 -28.18 27.46
C TRP A 389 29.31 -26.97 27.11
N LYS A 390 29.03 -26.14 28.10
CA LYS A 390 28.24 -24.92 27.88
C LYS A 390 29.02 -23.95 27.02
N LYS A 391 30.33 -23.91 27.22
CA LYS A 391 31.23 -23.04 26.45
C LYS A 391 31.26 -23.46 24.97
N SER A 392 31.12 -24.75 24.70
CA SER A 392 31.14 -25.27 23.33
C SER A 392 29.80 -25.05 22.61
N GLY A 393 28.89 -24.29 23.20
CA GLY A 393 27.50 -24.25 22.77
C GLY A 393 26.72 -25.56 22.83
N TYR A 394 26.97 -26.35 23.89
CA TYR A 394 26.27 -27.61 24.14
C TYR A 394 26.45 -28.65 23.04
N GLN A 395 27.64 -28.67 22.45
CA GLN A 395 27.90 -29.47 21.25
C GLN A 395 28.85 -30.66 21.51
N MET A 396 29.77 -30.49 22.44
CA MET A 396 30.66 -31.59 22.80
C MET A 396 29.90 -32.80 23.38
N GLU A 397 30.36 -33.98 23.03
CA GLU A 397 29.75 -35.21 23.50
C GLU A 397 30.64 -35.87 24.52
N LYS A 398 30.19 -37.01 25.04
CA LYS A 398 30.85 -37.63 26.19
C LYS A 398 32.35 -37.85 25.98
N ASP A 399 32.71 -38.43 24.84
CA ASP A 399 34.11 -38.85 24.68
C ASP A 399 35.03 -37.65 24.63
N GLU A 400 34.64 -36.61 23.90
CA GLU A 400 35.43 -35.38 23.83
C GLU A 400 35.63 -34.81 25.24
N LEU A 401 34.55 -34.80 26.02
CA LEU A 401 34.58 -34.22 27.37
C LEU A 401 35.43 -35.02 28.30
N LEU A 402 35.28 -36.35 28.24
CA LEU A 402 36.11 -37.24 29.02
C LEU A 402 37.56 -37.21 28.57
N SER A 403 37.78 -37.04 27.27
CA SER A 403 39.13 -36.89 26.79
C SER A 403 39.75 -35.68 27.46
N TYR A 404 38.97 -34.59 27.50
CA TYR A 404 39.42 -33.31 28.03
C TYR A 404 39.76 -33.42 29.51
N ILE A 405 38.97 -34.19 30.25
CA ILE A 405 39.18 -34.25 31.69
C ILE A 405 40.41 -35.09 32.00
N LYS A 406 40.66 -36.11 31.19
CA LYS A 406 41.84 -36.96 31.41
C LYS A 406 43.12 -36.13 31.29
N LYS A 407 43.11 -35.15 30.39
CA LYS A 407 44.24 -34.24 30.28
C LYS A 407 44.42 -33.42 31.57
N THR A 408 43.38 -32.70 31.97
CA THR A 408 43.36 -32.00 33.27
C THR A 408 44.04 -32.84 34.36
N LEU A 409 43.69 -34.12 34.43
CA LEU A 409 44.35 -35.04 35.35
C LEU A 409 45.77 -35.32 34.87
N MET B 1 29.15 30.09 21.82
CA MET B 1 28.72 28.68 21.86
C MET B 1 28.87 28.05 20.45
N PHE B 2 28.79 26.73 20.39
CA PHE B 2 28.67 26.03 19.14
C PHE B 2 27.21 25.65 18.98
N THR B 3 26.67 25.86 17.77
CA THR B 3 25.32 25.45 17.47
C THR B 3 25.26 24.84 16.10
N MET B 4 24.23 24.01 15.93
CA MET B 4 24.04 23.29 14.67
C MET B 4 23.56 24.20 13.54
N LYS B 5 24.27 24.18 12.42
CA LYS B 5 23.89 24.91 11.22
C LYS B 5 23.97 24.01 9.97
N LEU B 6 23.12 24.29 9.00
CA LEU B 6 23.02 23.51 7.78
C LEU B 6 24.22 23.78 6.92
N GLN B 7 24.80 22.71 6.40
CA GLN B 7 25.88 22.82 5.43
C GLN B 7 25.70 21.70 4.39
N SER B 8 25.61 22.08 3.12
CA SER B 8 25.55 21.09 2.04
C SER B 8 25.88 21.76 0.72
N PRO B 9 26.21 20.97 -0.30
CA PRO B 9 26.39 21.54 -1.66
C PRO B 9 25.13 22.18 -2.19
N GLU B 10 23.98 21.64 -1.85
CA GLU B 10 22.73 22.21 -2.31
C GLU B 10 22.51 23.61 -1.70
N PHE B 11 22.78 23.75 -0.41
CA PHE B 11 22.68 25.06 0.27
C PHE B 11 23.72 26.04 -0.28
N GLN B 12 24.97 25.60 -0.43
CA GLN B 12 26.01 26.47 -1.01
C GLN B 12 25.68 26.96 -2.41
N SER B 13 25.03 26.13 -3.22
CA SER B 13 24.77 26.47 -4.62
C SER B 13 23.82 27.69 -4.75
N LEU B 14 23.12 28.02 -3.69
CA LEU B 14 22.24 29.21 -3.71
C LEU B 14 23.00 30.51 -3.69
N PHE B 15 24.24 30.49 -3.19
CA PHE B 15 25.01 31.73 -2.95
C PHE B 15 25.67 32.30 -4.18
N THR B 16 24.81 32.75 -5.07
CA THR B 16 25.20 33.39 -6.32
C THR B 16 25.61 34.84 -6.02
N GLU B 17 26.18 35.54 -6.99
CA GLU B 17 26.53 36.93 -6.82
C GLU B 17 25.29 37.76 -6.42
N GLY B 18 24.17 37.40 -7.03
CA GLY B 18 22.90 38.02 -6.74
C GLY B 18 22.47 37.88 -5.30
N LEU B 19 22.49 36.66 -4.81
CA LEU B 19 22.05 36.38 -3.48
C LEU B 19 22.99 37.06 -2.46
N LYS B 20 24.28 37.09 -2.77
CA LYS B 20 25.19 37.75 -1.88
C LYS B 20 24.91 39.24 -1.82
N SER B 21 24.64 39.85 -2.97
CA SER B 21 24.33 41.25 -3.01
C SER B 21 23.06 41.51 -2.19
N LEU B 22 22.05 40.68 -2.38
CA LEU B 22 20.76 40.88 -1.70
C LEU B 22 20.90 40.80 -0.17
N THR B 23 21.58 39.74 0.31
CA THR B 23 21.74 39.55 1.73
C THR B 23 22.55 40.71 2.33
N GLU B 24 23.57 41.22 1.62
CA GLU B 24 24.38 42.29 2.19
C GLU B 24 23.52 43.55 2.33
N LEU B 25 22.62 43.79 1.36
CA LEU B 25 21.78 44.96 1.38
C LEU B 25 20.88 44.93 2.65
N PHE B 26 20.25 43.79 2.90
CA PHE B 26 19.30 43.69 4.01
C PHE B 26 20.05 43.86 5.33
N VAL B 27 21.24 43.29 5.44
CA VAL B 27 22.06 43.51 6.65
C VAL B 27 22.36 44.98 6.81
N LYS B 28 22.75 45.64 5.74
CA LYS B 28 23.16 47.04 5.85
C LYS B 28 21.96 47.93 6.22
N GLU B 29 20.75 47.52 5.82
CA GLU B 29 19.57 48.32 6.07
C GLU B 29 18.85 47.82 7.33
N ASN B 30 19.47 46.88 8.04
CA ASN B 30 18.98 46.43 9.34
C ASN B 30 17.56 45.76 9.28
N HIS B 31 17.37 44.91 8.27
CA HIS B 31 16.16 44.10 8.20
C HIS B 31 16.55 42.65 8.12
N GLU B 32 15.88 41.80 8.88
CA GLU B 32 16.11 40.37 8.79
C GLU B 32 15.50 39.80 7.51
N LEU B 33 16.25 38.92 6.87
CA LEU B 33 15.87 38.24 5.64
C LEU B 33 16.25 36.78 5.84
N ARG B 34 15.31 35.88 5.55
CA ARG B 34 15.51 34.43 5.68
C ARG B 34 14.84 33.69 4.53
N ILE B 35 15.34 32.50 4.24
CA ILE B 35 14.62 31.55 3.36
C ILE B 35 13.45 30.93 4.10
N ALA B 36 12.29 30.78 3.42
CA ALA B 36 11.06 30.39 4.07
C ALA B 36 10.38 29.24 3.33
N GLY B 37 9.53 28.49 4.01
CA GLY B 37 8.59 27.65 3.31
C GLY B 37 9.20 26.40 2.70
N GLY B 38 8.80 26.18 1.45
CA GLY B 38 9.07 24.96 0.73
C GLY B 38 10.57 24.83 0.43
N ALA B 39 11.24 25.96 0.22
CA ALA B 39 12.66 25.95 -0.11
C ALA B 39 13.43 25.36 1.09
N VAL B 40 12.96 25.68 2.30
CA VAL B 40 13.55 25.13 3.52
C VAL B 40 13.35 23.62 3.62
N ARG B 41 12.14 23.17 3.32
CA ARG B 41 11.86 21.74 3.33
C ARG B 41 12.79 21.01 2.35
N ASP B 42 12.95 21.57 1.16
CA ASP B 42 13.74 20.90 0.12
C ASP B 42 15.18 20.78 0.58
N LEU B 43 15.72 21.87 1.07
CA LEU B 43 17.09 21.91 1.59
C LEU B 43 17.29 20.91 2.72
N LEU B 44 16.31 20.78 3.62
CA LEU B 44 16.42 19.80 4.71
C LEU B 44 16.37 18.36 4.21
N ASN B 45 15.68 18.16 3.09
CA ASN B 45 15.63 16.90 2.33
C ASN B 45 16.75 16.65 1.32
N GLY B 46 17.73 17.54 1.24
CA GLY B 46 18.92 17.30 0.44
C GLY B 46 18.77 17.69 -1.00
N VAL B 47 17.88 18.62 -1.30
CA VAL B 47 17.67 19.01 -2.70
C VAL B 47 17.75 20.51 -2.83
N LYS B 48 18.38 20.98 -3.92
CA LYS B 48 18.48 22.40 -4.15
C LYS B 48 17.08 22.91 -4.56
N PRO B 49 16.55 23.91 -3.88
CA PRO B 49 15.22 24.43 -4.22
C PRO B 49 15.23 25.34 -5.46
N GLN B 50 14.10 25.40 -6.19
CA GLN B 50 14.05 26.15 -7.45
C GLN B 50 13.43 27.57 -7.44
N ASP B 51 12.31 27.77 -6.75
CA ASP B 51 11.58 29.05 -6.88
C ASP B 51 11.41 29.62 -5.48
N ILE B 52 12.53 29.98 -4.89
CA ILE B 52 12.59 30.23 -3.45
C ILE B 52 11.72 31.40 -2.98
N ASP B 53 11.07 31.17 -1.87
CA ASP B 53 10.29 32.19 -1.14
C ASP B 53 11.21 32.74 -0.02
N PHE B 54 11.52 34.04 -0.10
CA PHE B 54 12.26 34.75 0.94
C PHE B 54 11.25 35.50 1.78
N ALA B 55 11.53 35.60 3.06
CA ALA B 55 10.69 36.31 4.01
C ALA B 55 11.53 37.38 4.70
N THR B 56 10.87 38.47 5.14
CA THR B 56 11.57 39.56 5.79
C THR B 56 10.63 40.31 6.77
N THR B 57 11.28 40.96 7.70
CA THR B 57 10.60 41.88 8.61
C THR B 57 10.31 43.24 7.98
N ALA B 58 11.00 43.56 6.90
CA ALA B 58 10.74 44.82 6.18
C ALA B 58 9.38 44.82 5.51
N THR B 59 8.68 45.98 5.55
CA THR B 59 7.39 46.08 4.91
C THR B 59 7.61 46.24 3.42
N PRO B 60 6.55 46.04 2.63
CA PRO B 60 6.71 46.28 1.20
C PRO B 60 7.10 47.72 0.87
N THR B 61 6.61 48.70 1.61
CA THR B 61 7.01 50.08 1.33
C THR B 61 8.49 50.26 1.65
N GLN B 62 8.97 49.65 2.72
CA GLN B 62 10.39 49.73 3.05
C GLN B 62 11.25 49.09 2.01
N MET B 63 10.83 47.90 1.52
CA MET B 63 11.62 47.26 0.47
C MET B 63 11.67 48.12 -0.80
N LYS B 64 10.54 48.73 -1.20
CA LYS B 64 10.54 49.56 -2.42
C LYS B 64 11.48 50.71 -2.24
N GLU B 65 11.46 51.34 -1.06
CA GLU B 65 12.39 52.46 -0.81
C GLU B 65 13.88 52.03 -0.81
N MET B 66 14.16 50.86 -0.25
CA MET B 66 15.52 50.30 -0.24
C MET B 66 16.02 50.02 -1.65
N PHE B 67 15.23 49.33 -2.45
CA PHE B 67 15.63 49.03 -3.84
C PHE B 67 15.74 50.27 -4.67
N GLN B 68 14.78 51.19 -4.57
CA GLN B 68 14.85 52.42 -5.36
C GLN B 68 16.07 53.26 -4.98
N SER B 69 16.32 53.37 -3.68
CA SER B 69 17.43 54.13 -3.13
C SER B 69 18.78 53.55 -3.55
N ALA B 70 18.83 52.27 -3.84
CA ALA B 70 20.07 51.58 -4.25
C ALA B 70 20.18 51.37 -5.78
N GLY B 71 19.18 51.83 -6.55
CA GLY B 71 19.19 51.65 -7.97
C GLY B 71 18.99 50.20 -8.40
N ILE B 72 18.30 49.42 -7.59
CA ILE B 72 18.01 48.02 -7.87
C ILE B 72 16.63 47.83 -8.51
N ARG B 73 16.58 47.16 -9.66
CA ARG B 73 15.32 46.97 -10.40
C ARG B 73 14.32 46.13 -9.63
N MET B 74 13.05 46.53 -9.64
CA MET B 74 12.02 45.65 -9.14
C MET B 74 11.17 45.22 -10.33
N ILE B 75 10.59 44.04 -10.20
CA ILE B 75 9.86 43.39 -11.25
C ILE B 75 8.40 43.27 -10.81
N ASN B 76 7.49 43.69 -11.69
CA ASN B 76 6.04 43.72 -11.44
C ASN B 76 5.62 44.26 -10.07
N GLY B 83 2.00 41.71 -0.44
CA GLY B 83 3.10 41.87 0.50
C GLY B 83 4.42 41.35 -0.04
N THR B 84 4.44 41.13 -1.35
CA THR B 84 5.61 40.55 -2.02
C THR B 84 6.27 41.57 -2.95
N ILE B 85 7.59 41.70 -2.84
CA ILE B 85 8.37 42.52 -3.76
C ILE B 85 9.40 41.61 -4.45
N THR B 86 9.55 41.76 -5.76
CA THR B 86 10.51 41.00 -6.52
C THR B 86 11.59 41.91 -7.08
N ALA B 87 12.83 41.62 -6.68
CA ALA B 87 14.00 42.39 -7.10
C ALA B 87 14.83 41.58 -8.06
N ARG B 88 15.50 42.25 -8.98
CA ARG B 88 16.46 41.61 -9.86
C ARG B 88 17.84 42.14 -9.55
N LEU B 89 18.76 41.23 -9.25
CA LEU B 89 20.15 41.56 -9.04
C LEU B 89 21.00 40.49 -9.70
N HIS B 90 22.06 40.92 -10.39
CA HIS B 90 22.99 40.03 -11.09
C HIS B 90 22.28 38.93 -11.90
N GLU B 91 21.37 39.37 -12.76
CA GLU B 91 20.67 38.47 -13.67
C GLU B 91 19.79 37.40 -13.01
N GLU B 92 19.19 37.72 -11.86
CA GLU B 92 18.46 36.74 -11.11
C GLU B 92 17.37 37.45 -10.29
N ASN B 93 16.20 36.83 -10.20
CA ASN B 93 15.09 37.41 -9.45
C ASN B 93 14.96 36.80 -8.08
N PHE B 94 14.46 37.61 -7.15
CA PHE B 94 14.34 37.19 -5.75
C PHE B 94 13.00 37.70 -5.30
N GLU B 95 12.14 36.77 -4.94
CA GLU B 95 10.78 37.12 -4.48
C GLU B 95 10.76 37.18 -2.98
N ILE B 96 10.53 38.37 -2.44
CA ILE B 96 10.64 38.58 -0.99
C ILE B 96 9.28 39.03 -0.41
N THR B 97 8.81 38.31 0.61
CA THR B 97 7.50 38.62 1.19
C THR B 97 7.64 39.02 2.67
N THR B 98 6.97 40.10 3.03
CA THR B 98 6.89 40.54 4.41
C THR B 98 6.10 39.54 5.26
N LEU B 99 6.58 39.31 6.48
CA LEU B 99 5.88 38.42 7.40
C LEU B 99 4.48 38.99 7.62
N ARG B 100 3.48 38.10 7.71
CA ARG B 100 2.14 38.56 7.92
C ARG B 100 1.29 37.63 8.75
N ILE B 101 0.23 38.23 9.26
CA ILE B 101 -0.82 37.57 9.99
C ILE B 101 -2.15 37.82 9.28
N ASP B 102 -3.00 36.82 9.27
CA ASP B 102 -4.28 36.95 8.54
C ASP B 102 -5.28 37.55 9.53
N VAL B 103 -6.11 38.47 9.04
CA VAL B 103 -7.11 39.09 9.84
C VAL B 103 -8.41 38.40 9.45
N THR B 104 -9.14 37.89 10.43
CA THR B 104 -10.50 37.40 10.18
C THR B 104 -11.55 38.43 9.83
N THR B 105 -12.17 38.23 8.67
CA THR B 105 -13.09 39.14 8.06
C THR B 105 -14.37 38.37 7.70
N ASP B 106 -15.48 39.06 7.53
CA ASP B 106 -16.68 38.47 6.94
C ASP B 106 -16.72 38.82 5.45
N ALA B 110 -10.08 39.67 1.77
CA ALA B 110 -9.00 39.07 2.53
C ALA B 110 -8.06 40.18 2.98
N GLU B 111 -7.62 40.11 4.23
CA GLU B 111 -6.82 41.19 4.76
C GLU B 111 -5.71 40.60 5.64
N VAL B 112 -4.55 41.26 5.67
CA VAL B 112 -3.47 40.82 6.55
C VAL B 112 -2.89 42.00 7.26
N GLU B 113 -2.13 41.69 8.29
CA GLU B 113 -1.40 42.68 9.04
C GLU B 113 0.05 42.24 8.93
N PHE B 114 0.96 43.15 8.60
CA PHE B 114 2.37 42.81 8.66
C PHE B 114 2.84 42.69 10.10
N THR B 115 3.82 41.82 10.28
CA THR B 115 4.38 41.56 11.58
C THR B 115 5.89 41.46 11.49
N THR B 116 6.57 41.56 12.63
CA THR B 116 7.98 41.19 12.65
C THR B 116 8.21 39.91 13.46
N ASP B 117 7.12 39.25 13.85
CA ASP B 117 7.17 38.05 14.66
C ASP B 117 7.17 36.78 13.77
N TRP B 118 8.36 36.17 13.64
CA TRP B 118 8.55 34.99 12.79
C TRP B 118 7.62 33.85 13.17
N GLN B 119 7.42 33.68 14.47
CA GLN B 119 6.59 32.58 14.94
C GLN B 119 5.12 32.78 14.49
N LYS B 120 4.65 34.04 14.48
CA LYS B 120 3.28 34.29 14.01
C LYS B 120 3.11 34.00 12.48
N ASP B 121 4.10 34.38 11.69
CA ASP B 121 4.03 34.06 10.27
C ASP B 121 4.13 32.52 10.09
N ALA B 122 4.93 31.84 10.89
CA ALA B 122 4.99 30.37 10.79
C ALA B 122 3.61 29.76 11.09
N GLU B 123 2.91 30.33 12.05
CA GLU B 123 1.64 29.76 12.46
C GLU B 123 0.55 29.87 11.39
N ARG B 124 0.74 30.79 10.45
CA ARG B 124 -0.17 30.99 9.31
C ARG B 124 0.06 29.92 8.24
N ARG B 125 1.25 29.32 8.25
CA ARG B 125 1.59 28.36 7.22
C ARG B 125 0.86 27.05 7.47
N ASP B 126 0.78 26.23 6.44
CA ASP B 126 -0.12 25.07 6.44
C ASP B 126 0.43 23.81 7.18
N LEU B 127 1.49 23.22 6.70
CA LEU B 127 2.03 21.98 7.23
C LEU B 127 3.28 22.27 7.99
N THR B 128 3.57 21.46 9.01
CA THR B 128 4.71 21.78 9.87
C THR B 128 6.03 21.75 9.07
N ILE B 129 6.14 20.86 8.09
CA ILE B 129 7.37 20.77 7.29
C ILE B 129 7.55 21.96 6.34
N ASN B 130 6.49 22.75 6.15
CA ASN B 130 6.54 23.99 5.34
C ASN B 130 6.52 25.29 6.13
N SER B 131 6.72 25.22 7.45
CA SER B 131 6.51 26.37 8.34
C SER B 131 7.81 26.91 8.91
N MET B 132 8.95 26.45 8.40
CA MET B 132 10.26 26.84 8.94
C MET B 132 10.98 27.91 8.11
N PHE B 133 12.01 28.49 8.72
CA PHE B 133 12.85 29.47 8.07
C PHE B 133 14.30 29.07 8.24
N LEU B 134 15.12 29.51 7.31
CA LEU B 134 16.54 29.24 7.40
CA LEU B 134 16.56 29.24 7.40
C LEU B 134 17.31 30.55 7.25
N GLY B 135 18.19 30.82 8.19
CA GLY B 135 19.04 32.01 8.08
C GLY B 135 20.13 31.69 7.10
N PHE B 136 20.80 32.69 6.55
CA PHE B 136 21.81 32.46 5.54
C PHE B 136 23.10 31.85 6.09
N ASP B 137 23.21 31.82 7.42
CA ASP B 137 24.30 31.13 8.09
C ASP B 137 24.00 29.61 8.25
N GLY B 138 22.76 29.22 7.96
CA GLY B 138 22.32 27.83 8.14
C GLY B 138 21.58 27.52 9.43
N THR B 139 21.23 28.56 10.22
CA THR B 139 20.42 28.37 11.38
C THR B 139 18.99 28.10 10.99
N LEU B 140 18.46 27.01 11.53
CA LEU B 140 17.07 26.65 11.27
C LEU B 140 16.15 27.23 12.37
N PHE B 141 15.06 27.86 11.93
CA PHE B 141 14.07 28.49 12.84
C PHE B 141 12.81 27.67 12.72
N ASP B 142 12.50 26.88 13.74
CA ASP B 142 11.43 25.88 13.64
C ASP B 142 10.54 25.99 14.86
N TYR B 143 9.31 26.44 14.69
CA TYR B 143 8.42 26.72 15.84
C TYR B 143 7.38 25.65 16.07
N PHE B 144 7.26 24.72 15.11
CA PHE B 144 6.17 23.75 15.13
C PHE B 144 6.62 22.33 14.89
N ASN B 145 7.86 22.04 15.24
CA ASN B 145 8.38 20.67 15.16
C ASN B 145 8.52 20.12 13.75
N GLY B 146 8.78 21.02 12.80
CA GLY B 146 8.77 20.64 11.41
C GLY B 146 9.99 19.79 11.12
N TYR B 147 11.08 20.01 11.80
CA TYR B 147 12.31 19.25 11.48
C TYR B 147 12.14 17.80 11.94
N GLU B 148 11.72 17.65 13.19
CA GLU B 148 11.32 16.32 13.66
C GLU B 148 10.26 15.66 12.78
N ASP B 149 9.19 16.37 12.40
CA ASP B 149 8.18 15.74 11.55
C ASP B 149 8.78 15.32 10.20
N LEU B 150 9.66 16.16 9.65
CA LEU B 150 10.27 15.85 8.39
C LEU B 150 11.13 14.54 8.50
N LYS B 151 11.98 14.48 9.51
CA LYS B 151 12.82 13.28 9.70
C LYS B 151 11.97 12.06 9.99
N ASN B 152 10.84 12.23 10.69
CA ASN B 152 9.94 11.08 10.98
C ASN B 152 8.92 10.85 9.86
N LYS B 153 9.06 11.64 8.80
CA LYS B 153 8.18 11.53 7.62
C LYS B 153 6.73 11.74 7.95
N LYS B 154 6.46 12.78 8.70
CA LYS B 154 5.09 13.05 9.12
C LYS B 154 4.59 14.28 8.43
N VAL B 155 3.44 14.19 7.77
CA VAL B 155 2.86 15.34 7.07
C VAL B 155 1.66 15.81 7.98
N ARG B 156 1.86 16.90 8.69
CA ARG B 156 0.98 17.25 9.81
C ARG B 156 0.69 18.72 9.72
N PHE B 157 -0.55 19.10 10.01
CA PHE B 157 -0.93 20.52 9.94
C PHE B 157 -0.43 21.29 11.14
N VAL B 158 -0.12 22.56 10.94
CA VAL B 158 0.05 23.45 12.07
C VAL B 158 -1.34 23.74 12.59
N GLY B 159 -1.64 23.41 13.84
CA GLY B 159 -3.02 23.56 14.34
C GLY B 159 -3.82 22.31 13.97
N HIS B 160 -5.14 22.41 13.91
CA HIS B 160 -6.01 21.26 13.67
C HIS B 160 -6.33 21.12 12.20
N ALA B 161 -6.19 19.92 11.69
CA ALA B 161 -6.40 19.61 10.28
C ALA B 161 -7.75 20.13 9.76
N LYS B 162 -8.84 19.88 10.48
CA LYS B 162 -10.15 20.33 10.04
C LYS B 162 -10.19 21.85 9.80
N GLN B 163 -9.73 22.62 10.79
CA GLN B 163 -9.76 24.08 10.68
C GLN B 163 -8.86 24.57 9.52
N ARG B 164 -7.69 23.97 9.36
CA ARG B 164 -6.78 24.45 8.33
C ARG B 164 -7.38 24.09 6.91
N ILE B 165 -7.98 22.91 6.77
CA ILE B 165 -8.59 22.52 5.48
C ILE B 165 -9.78 23.44 5.15
N GLN B 166 -10.57 23.74 6.14
CA GLN B 166 -11.73 24.60 5.90
C GLN B 166 -11.33 26.07 5.52
N GLU B 167 -10.12 26.50 5.87
CA GLU B 167 -9.62 27.83 5.46
C GLU B 167 -9.21 27.84 3.97
N ASP B 168 -8.86 26.65 3.44
CA ASP B 168 -8.46 26.52 2.03
C ASP B 168 -8.52 25.05 1.66
N TYR B 169 -9.61 24.64 1.00
CA TYR B 169 -9.83 23.25 0.74
C TYR B 169 -8.78 22.64 -0.18
N LEU B 170 -8.05 23.45 -0.93
CA LEU B 170 -6.94 22.95 -1.74
C LEU B 170 -5.84 22.27 -0.89
N ARG B 171 -5.76 22.63 0.39
CA ARG B 171 -4.92 21.93 1.33
C ARG B 171 -5.09 20.42 1.41
N ILE B 172 -6.28 19.91 1.04
CA ILE B 172 -6.45 18.47 0.92
C ILE B 172 -5.44 17.92 -0.11
N LEU B 173 -5.37 18.54 -1.29
CA LEU B 173 -4.46 18.05 -2.34
C LEU B 173 -3.01 18.26 -1.95
N ARG B 174 -2.73 19.35 -1.20
CA ARG B 174 -1.40 19.60 -0.71
C ARG B 174 -0.94 18.52 0.22
N TYR B 175 -1.85 18.04 1.07
CA TYR B 175 -1.51 16.97 1.98
C TYR B 175 -1.03 15.78 1.17
N PHE B 176 -1.79 15.36 0.14
CA PHE B 176 -1.42 14.22 -0.70
C PHE B 176 -0.07 14.40 -1.35
N ARG B 177 0.10 15.58 -1.93
CA ARG B 177 1.33 15.91 -2.64
C ARG B 177 2.57 15.78 -1.76
N PHE B 178 2.51 16.32 -0.56
CA PHE B 178 3.65 16.34 0.31
C PHE B 178 3.83 14.98 0.98
N TYR B 179 2.73 14.24 1.16
CA TYR B 179 2.89 12.83 1.60
C TYR B 179 3.69 12.02 0.56
N GLY B 180 3.35 12.15 -0.71
CA GLY B 180 4.13 11.45 -1.71
C GLY B 180 5.59 11.91 -1.73
N ARG B 181 5.78 13.19 -1.47
CA ARG B 181 7.09 13.81 -1.55
C ARG B 181 8.07 13.34 -0.50
N ILE B 182 7.60 13.13 0.74
CA ILE B 182 8.53 12.82 1.85
C ILE B 182 8.47 11.39 2.39
N VAL B 183 7.38 10.70 2.15
CA VAL B 183 7.22 9.38 2.74
C VAL B 183 7.97 8.32 1.89
N ASP B 184 8.51 7.33 2.56
CA ASP B 184 9.20 6.26 1.81
C ASP B 184 8.35 4.98 1.66
N LYS B 185 7.71 4.53 2.73
CA LYS B 185 6.81 3.38 2.67
C LYS B 185 5.42 3.88 3.05
N PRO B 186 4.55 4.06 2.04
CA PRO B 186 3.23 4.60 2.32
C PRO B 186 2.38 3.68 3.19
N GLY B 187 1.45 4.27 3.94
CA GLY B 187 0.43 3.49 4.63
C GLY B 187 -0.01 4.06 5.95
N ASP B 188 0.92 4.66 6.72
CA ASP B 188 0.59 5.32 8.00
C ASP B 188 0.07 6.72 7.69
N HIS B 189 -1.19 6.96 8.03
CA HIS B 189 -1.82 8.27 7.95
C HIS B 189 -2.46 8.54 9.30
N ASP B 190 -2.34 9.77 9.77
CA ASP B 190 -2.99 10.18 11.00
C ASP B 190 -4.51 10.12 10.80
N PRO B 191 -5.24 9.35 11.63
CA PRO B 191 -6.66 9.20 11.42
C PRO B 191 -7.45 10.50 11.49
N GLU B 192 -7.03 11.46 12.32
CA GLU B 192 -7.74 12.74 12.40
C GLU B 192 -7.58 13.49 11.08
N THR B 193 -6.43 13.35 10.43
CA THR B 193 -6.27 14.03 9.17
C THR B 193 -7.12 13.36 8.03
N LEU B 194 -7.19 12.03 8.01
CA LEU B 194 -7.99 11.35 7.00
C LEU B 194 -9.48 11.68 7.20
N GLU B 195 -9.87 11.80 8.45
CA GLU B 195 -11.25 12.09 8.76
C GLU B 195 -11.60 13.51 8.28
N ALA B 196 -10.70 14.45 8.54
CA ALA B 196 -10.83 15.84 8.11
C ALA B 196 -10.94 15.87 6.60
N ILE B 197 -10.10 15.12 5.89
CA ILE B 197 -10.19 15.07 4.43
C ILE B 197 -11.54 14.52 3.95
N ALA B 198 -11.92 13.37 4.47
CA ALA B 198 -13.15 12.71 4.03
C ALA B 198 -14.36 13.63 4.32
N GLU B 199 -14.42 14.22 5.49
CA GLU B 199 -15.55 15.08 5.84
C GLU B 199 -15.61 16.34 5.01
N ASN B 200 -14.48 16.79 4.45
CA ASN B 200 -14.42 18.11 3.82
C ASN B 200 -14.08 18.07 2.36
N ALA B 201 -14.03 16.86 1.80
CA ALA B 201 -13.73 16.66 0.41
C ALA B 201 -14.63 17.49 -0.49
N LYS B 202 -15.90 17.59 -0.14
CA LYS B 202 -16.87 18.36 -0.94
C LYS B 202 -16.49 19.79 -1.11
N GLY B 203 -15.76 20.35 -0.16
CA GLY B 203 -15.24 21.70 -0.28
C GLY B 203 -14.36 21.99 -1.46
N LEU B 204 -13.68 20.96 -1.97
CA LEU B 204 -12.98 21.12 -3.24
C LEU B 204 -13.83 21.49 -4.46
N ALA B 205 -15.13 21.23 -4.41
CA ALA B 205 -16.07 21.65 -5.43
C ALA B 205 -16.15 23.18 -5.55
N GLY B 206 -15.77 23.89 -4.48
CA GLY B 206 -15.68 25.35 -4.53
C GLY B 206 -14.35 25.94 -4.98
N ILE B 207 -13.36 25.10 -5.29
CA ILE B 207 -12.05 25.56 -5.70
C ILE B 207 -11.95 25.57 -7.22
N SER B 208 -11.31 26.59 -7.77
CA SER B 208 -11.24 26.71 -9.21
C SER B 208 -10.44 25.55 -9.82
N GLY B 209 -10.83 25.17 -11.05
CA GLY B 209 -10.18 24.09 -11.72
C GLY B 209 -8.72 24.35 -11.99
N GLU B 210 -8.38 25.61 -12.28
CA GLU B 210 -6.98 25.94 -12.51
C GLU B 210 -6.08 25.63 -11.30
N ARG B 211 -6.52 26.02 -10.11
CA ARG B 211 -5.74 25.72 -8.90
C ARG B 211 -5.66 24.23 -8.64
N ILE B 212 -6.76 23.53 -8.82
CA ILE B 212 -6.73 22.11 -8.60
C ILE B 212 -5.74 21.45 -9.59
N TRP B 213 -5.79 21.85 -10.85
CA TRP B 213 -5.01 21.18 -11.89
C TRP B 213 -3.50 21.35 -11.64
N VAL B 214 -3.11 22.53 -11.12
CA VAL B 214 -1.71 22.73 -10.72
C VAL B 214 -1.22 21.70 -9.72
N GLU B 215 -1.99 21.46 -8.66
CA GLU B 215 -1.66 20.47 -7.67
C GLU B 215 -1.75 19.05 -8.13
N LEU B 216 -2.86 18.68 -8.76
CA LEU B 216 -3.01 17.36 -9.36
C LEU B 216 -1.84 16.96 -10.25
N LYS B 217 -1.36 17.87 -11.07
CA LYS B 217 -0.20 17.56 -11.92
C LYS B 217 1.02 17.29 -11.10
N LYS B 218 1.24 18.03 -10.02
CA LYS B 218 2.37 17.73 -9.17
C LYS B 218 2.26 16.36 -8.53
N ILE B 219 1.05 15.95 -8.16
CA ILE B 219 0.83 14.63 -7.56
C ILE B 219 1.10 13.54 -8.62
N LEU B 220 0.63 13.77 -9.83
CA LEU B 220 0.73 12.77 -10.91
C LEU B 220 2.17 12.45 -11.36
N VAL B 221 3.06 13.43 -11.30
CA VAL B 221 4.48 13.23 -11.67
C VAL B 221 5.44 13.05 -10.48
N GLY B 222 4.90 12.99 -9.26
CA GLY B 222 5.70 12.81 -8.04
C GLY B 222 5.74 11.35 -7.62
N ASN B 223 6.38 11.06 -6.51
CA ASN B 223 6.48 9.73 -5.96
C ASN B 223 5.16 9.20 -5.38
N HIS B 224 5.02 7.89 -5.42
CA HIS B 224 3.96 7.22 -4.77
C HIS B 224 2.62 7.64 -5.35
N VAL B 225 2.62 7.94 -6.65
CA VAL B 225 1.36 8.29 -7.34
C VAL B 225 0.29 7.21 -7.26
N ASN B 226 0.72 5.95 -7.24
CA ASN B 226 -0.27 4.86 -7.15
C ASN B 226 -1.05 4.91 -5.83
N HIS B 227 -0.29 4.99 -4.73
CA HIS B 227 -0.93 5.10 -3.43
C HIS B 227 -1.85 6.33 -3.34
N LEU B 228 -1.38 7.44 -3.86
CA LEU B 228 -2.09 8.71 -3.73
C LEU B 228 -3.39 8.78 -4.51
N ILE B 229 -3.41 8.22 -5.71
CA ILE B 229 -4.62 8.15 -6.51
C ILE B 229 -5.59 7.19 -5.88
N HIS B 230 -5.09 6.05 -5.39
CA HIS B 230 -5.94 5.16 -4.65
C HIS B 230 -6.58 5.88 -3.44
N LEU B 231 -5.79 6.72 -2.79
CA LEU B 231 -6.33 7.34 -1.58
CA LEU B 231 -6.24 7.48 -1.61
C LEU B 231 -7.35 8.42 -1.91
N ILE B 232 -7.16 9.06 -3.03
CA ILE B 232 -8.07 10.06 -3.57
C ILE B 232 -9.44 9.49 -3.88
N TYR B 233 -9.46 8.29 -4.41
CA TYR B 233 -10.70 7.57 -4.67
C TYR B 233 -11.27 7.03 -3.38
N ASP B 234 -10.41 6.50 -2.52
CA ASP B 234 -10.89 5.87 -1.27
C ASP B 234 -11.59 6.89 -0.32
N LEU B 235 -11.08 8.11 -0.29
CA LEU B 235 -11.59 9.17 0.56
C LEU B 235 -12.67 10.03 -0.14
N ASP B 236 -13.05 9.65 -1.37
CA ASP B 236 -14.07 10.31 -2.19
C ASP B 236 -13.72 11.75 -2.50
N VAL B 237 -12.44 11.98 -2.70
CA VAL B 237 -11.99 13.29 -3.20
C VAL B 237 -12.16 13.33 -4.73
N ALA B 238 -11.92 12.19 -5.40
CA ALA B 238 -12.01 12.11 -6.86
C ALA B 238 -13.16 12.88 -7.57
N PRO B 239 -14.42 12.68 -7.16
CA PRO B 239 -15.49 13.33 -7.94
C PRO B 239 -15.42 14.88 -7.90
N TYR B 240 -14.77 15.45 -6.89
CA TYR B 240 -14.75 16.92 -6.75
C TYR B 240 -13.61 17.61 -7.45
N ILE B 241 -12.71 16.84 -8.02
CA ILE B 241 -11.56 17.35 -8.76
C ILE B 241 -11.54 16.86 -10.22
N GLY B 242 -12.72 16.56 -10.76
CA GLY B 242 -12.85 16.30 -12.18
C GLY B 242 -12.47 14.91 -12.68
N LEU B 243 -12.25 13.98 -11.77
CA LEU B 243 -12.00 12.58 -12.11
C LEU B 243 -13.31 11.74 -12.19
N PRO B 244 -13.34 10.72 -13.05
CA PRO B 244 -14.57 9.94 -13.14
C PRO B 244 -14.76 8.96 -11.98
N ALA B 245 -15.98 8.88 -11.49
CA ALA B 245 -16.29 8.13 -10.25
C ALA B 245 -16.11 6.63 -10.35
N ASN B 246 -16.50 6.14 -11.50
CA ASN B 246 -16.29 4.78 -11.98
C ASN B 246 -15.02 4.68 -12.86
N ALA B 247 -13.85 4.92 -12.30
CA ALA B 247 -12.62 4.78 -13.10
C ALA B 247 -12.20 3.30 -13.15
N SER B 248 -11.37 2.89 -14.12
CA SER B 248 -10.78 1.54 -14.04
C SER B 248 -9.49 1.67 -13.28
N LEU B 249 -9.57 1.31 -11.99
CA LEU B 249 -8.37 1.36 -11.22
C LEU B 249 -7.41 0.21 -11.57
N GLU B 250 -7.90 -0.85 -12.15
CA GLU B 250 -7.03 -1.94 -12.61
C GLU B 250 -6.15 -1.44 -13.77
N GLU B 251 -6.75 -0.66 -14.66
CA GLU B 251 -5.98 -0.07 -15.79
C GLU B 251 -4.97 0.94 -15.21
N PHE B 252 -5.42 1.73 -14.25
CA PHE B 252 -4.54 2.67 -13.58
C PHE B 252 -3.37 1.94 -12.95
N ASP B 253 -3.58 0.80 -12.28
CA ASP B 253 -2.51 0.09 -11.65
C ASP B 253 -1.51 -0.42 -12.70
N LYS B 254 -2.01 -0.85 -13.83
CA LYS B 254 -1.12 -1.38 -14.88
C LYS B 254 -0.31 -0.26 -15.49
N VAL B 255 -0.96 0.88 -15.71
CA VAL B 255 -0.27 1.96 -16.40
C VAL B 255 0.72 2.67 -15.44
N SER B 256 0.36 2.80 -14.16
CA SER B 256 1.26 3.43 -13.24
C SER B 256 2.57 2.59 -13.17
N LYS B 257 2.47 1.28 -13.30
CA LYS B 257 3.64 0.43 -13.33
C LYS B 257 4.39 0.57 -14.67
N ASN B 258 3.66 0.64 -15.76
CA ASN B 258 4.22 0.89 -17.08
C ASN B 258 5.06 2.19 -17.19
N VAL B 259 4.60 3.30 -16.64
CA VAL B 259 5.24 4.58 -16.86
C VAL B 259 6.32 4.91 -15.85
N ASP B 260 6.35 4.15 -14.76
CA ASP B 260 7.24 4.45 -13.61
C ASP B 260 8.73 4.50 -14.05
N GLY B 261 9.38 5.64 -13.86
CA GLY B 261 10.76 5.77 -14.22
C GLY B 261 10.95 6.34 -15.63
N PHE B 262 9.87 6.60 -16.35
CA PHE B 262 9.99 7.06 -17.73
C PHE B 262 9.36 8.42 -17.95
N SER B 263 9.27 9.19 -16.87
CA SER B 263 8.76 10.58 -16.87
C SER B 263 7.48 10.84 -17.70
N PRO B 264 6.37 10.22 -17.32
CA PRO B 264 5.13 10.41 -18.06
C PRO B 264 4.67 11.87 -17.94
N LYS B 265 4.06 12.41 -18.98
CA LYS B 265 3.28 13.62 -18.84
C LYS B 265 2.10 13.32 -17.91
N PRO B 266 1.65 14.33 -17.16
CA PRO B 266 0.56 14.05 -16.19
C PRO B 266 -0.69 13.42 -16.83
N VAL B 267 -1.06 13.84 -18.03
CA VAL B 267 -2.28 13.34 -18.64
C VAL B 267 -2.16 11.89 -19.13
N THR B 268 -0.93 11.51 -19.43
CA THR B 268 -0.66 10.14 -19.82
C THR B 268 -1.11 9.19 -18.73
N LEU B 269 -0.72 9.49 -17.49
CA LEU B 269 -1.09 8.63 -16.40
C LEU B 269 -2.60 8.81 -16.09
N LEU B 270 -3.09 10.03 -16.08
CA LEU B 270 -4.52 10.27 -15.86
C LEU B 270 -5.46 9.53 -16.85
N ALA B 271 -5.02 9.43 -18.11
CA ALA B 271 -5.84 8.79 -19.16
C ALA B 271 -6.13 7.35 -18.79
N SER B 272 -5.33 6.75 -17.90
CA SER B 272 -5.62 5.36 -17.52
C SER B 272 -6.89 5.26 -16.66
N LEU B 273 -7.40 6.41 -16.17
CA LEU B 273 -8.65 6.42 -15.39
C LEU B 273 -9.86 6.64 -16.28
N PHE B 274 -9.63 7.01 -17.53
CA PHE B 274 -10.69 7.37 -18.46
C PHE B 274 -11.07 6.14 -19.28
N LYS B 275 -12.35 5.79 -19.25
CA LYS B 275 -12.88 4.70 -20.09
C LYS B 275 -13.16 5.12 -21.53
N VAL B 276 -13.62 6.35 -21.75
CA VAL B 276 -13.93 6.82 -23.11
C VAL B 276 -13.53 8.26 -23.27
N GLN B 277 -13.53 8.73 -24.50
CA GLN B 277 -13.15 10.11 -24.78
C GLN B 277 -13.97 11.13 -23.99
N ASP B 278 -15.27 10.91 -23.79
CA ASP B 278 -16.07 11.83 -22.97
C ASP B 278 -15.44 12.14 -21.59
N ASP B 279 -14.62 11.24 -21.03
CA ASP B 279 -14.04 11.54 -19.73
C ASP B 279 -12.98 12.65 -19.83
N VAL B 280 -12.32 12.72 -20.98
CA VAL B 280 -11.30 13.75 -21.20
C VAL B 280 -12.04 15.08 -21.26
N THR B 281 -13.12 15.11 -22.04
CA THR B 281 -13.93 16.29 -22.23
C THR B 281 -14.51 16.79 -20.89
N LYS B 282 -15.01 15.87 -20.08
CA LYS B 282 -15.46 16.26 -18.72
C LYS B 282 -14.37 16.77 -17.80
N LEU B 283 -13.16 16.18 -17.85
CA LEU B 283 -12.06 16.67 -17.05
C LEU B 283 -11.74 18.09 -17.45
N ASP B 284 -11.79 18.33 -18.76
CA ASP B 284 -11.45 19.62 -19.30
C ASP B 284 -12.45 20.66 -18.87
N LEU B 285 -13.74 20.28 -18.79
CA LEU B 285 -14.75 21.24 -18.41
C LEU B 285 -14.49 21.70 -16.98
N ARG B 286 -14.05 20.76 -16.15
CA ARG B 286 -13.78 21.08 -14.75
C ARG B 286 -12.44 21.75 -14.54
N LEU B 287 -11.38 21.21 -15.13
CA LEU B 287 -10.04 21.67 -14.79
C LEU B 287 -9.44 22.69 -15.76
N LYS B 288 -10.06 22.90 -16.92
CA LYS B 288 -9.69 23.97 -17.85
C LYS B 288 -8.25 23.78 -18.32
N ILE B 289 -7.98 22.61 -18.83
CA ILE B 289 -6.65 22.22 -19.18
C ILE B 289 -6.25 22.80 -20.54
N ALA B 290 -4.96 22.74 -20.81
CA ALA B 290 -4.41 23.26 -22.07
C ALA B 290 -4.84 22.37 -23.25
N LYS B 291 -4.94 22.99 -24.42
CA LYS B 291 -5.29 22.28 -25.63
C LYS B 291 -4.40 21.06 -25.85
N GLU B 292 -3.09 21.17 -25.57
CA GLU B 292 -2.14 20.05 -25.77
C GLU B 292 -2.40 18.94 -24.77
N GLU B 293 -2.79 19.35 -23.59
CA GLU B 293 -3.14 18.38 -22.54
C GLU B 293 -4.44 17.61 -22.94
N LYS B 294 -5.43 18.35 -23.36
CA LYS B 294 -6.67 17.73 -23.84
C LYS B 294 -6.41 16.76 -25.02
N ASN B 295 -5.68 17.22 -26.01
CA ASN B 295 -5.43 16.42 -27.21
C ASN B 295 -4.60 15.15 -26.89
N LEU B 296 -3.70 15.25 -25.90
CA LEU B 296 -2.95 14.06 -25.47
C LEU B 296 -3.90 13.01 -24.86
N GLY B 297 -4.80 13.46 -24.00
CA GLY B 297 -5.76 12.56 -23.38
C GLY B 297 -6.60 11.88 -24.42
N LEU B 298 -7.10 12.66 -25.36
CA LEU B 298 -7.93 12.08 -26.42
C LEU B 298 -7.17 11.08 -27.26
N PHE B 299 -5.93 11.41 -27.61
CA PHE B 299 -5.09 10.51 -28.41
C PHE B 299 -4.89 9.14 -27.72
N ILE B 300 -4.66 9.15 -26.42
CA ILE B 300 -4.33 7.94 -25.67
C ILE B 300 -5.55 7.06 -25.55
N VAL B 301 -6.69 7.68 -25.25
CA VAL B 301 -7.94 6.94 -25.10
C VAL B 301 -8.36 6.34 -26.43
N LYS B 302 -8.16 7.12 -27.49
CA LYS B 302 -8.55 6.68 -28.83
C LYS B 302 -7.63 5.60 -29.35
N ASN B 303 -6.35 5.66 -29.03
CA ASN B 303 -5.36 4.78 -29.70
C ASN B 303 -4.74 3.67 -28.88
N ARG B 304 -4.97 3.65 -27.57
CA ARG B 304 -4.26 2.74 -26.70
C ARG B 304 -4.44 1.28 -27.04
N LYS B 305 -5.61 0.92 -27.55
CA LYS B 305 -5.90 -0.48 -27.90
C LYS B 305 -5.49 -0.93 -29.28
N ASP B 306 -5.54 -0.03 -30.26
CA ASP B 306 -5.38 -0.36 -31.66
C ASP B 306 -4.04 -0.01 -32.26
N LEU B 307 -3.41 1.05 -31.77
CA LEU B 307 -2.08 1.45 -32.26
C LEU B 307 -1.06 0.76 -31.37
N ILE B 308 -0.64 -0.43 -31.81
CA ILE B 308 0.19 -1.30 -31.01
C ILE B 308 1.30 -1.85 -31.87
N LYS B 309 2.33 -2.39 -31.24
CA LYS B 309 3.50 -2.82 -31.99
C LYS B 309 3.19 -3.97 -32.97
N ALA B 310 3.88 -3.96 -34.10
CA ALA B 310 3.71 -5.05 -35.07
C ALA B 310 4.50 -6.25 -34.53
N THR B 311 3.92 -7.02 -33.63
CA THR B 311 4.57 -8.22 -33.10
C THR B 311 4.91 -9.19 -34.24
N ASP B 312 6.05 -9.86 -34.11
CA ASP B 312 6.48 -10.90 -35.05
C ASP B 312 6.79 -10.37 -36.48
N SER B 313 7.10 -9.09 -36.56
CA SER B 313 7.42 -8.44 -37.83
C SER B 313 8.88 -7.99 -37.90
N SER B 314 9.29 -7.55 -39.08
CA SER B 314 10.63 -6.99 -39.28
C SER B 314 10.95 -5.66 -38.52
N ASP B 315 9.93 -4.85 -38.28
CA ASP B 315 10.07 -3.56 -37.58
C ASP B 315 8.84 -3.36 -36.71
N PRO B 316 8.93 -3.74 -35.42
CA PRO B 316 7.81 -3.60 -34.50
C PRO B 316 7.28 -2.17 -34.33
N LEU B 317 8.13 -1.17 -34.54
CA LEU B 317 7.73 0.21 -34.42
C LEU B 317 6.92 0.77 -35.60
N LYS B 318 6.79 0.00 -36.67
CA LYS B 318 6.27 0.53 -37.95
C LYS B 318 4.88 1.20 -37.82
N PRO B 319 3.94 0.58 -37.10
CA PRO B 319 2.62 1.21 -36.93
C PRO B 319 2.75 2.61 -36.36
N TYR B 320 3.65 2.78 -35.42
CA TYR B 320 3.85 4.08 -34.79
C TYR B 320 4.52 5.05 -35.75
N GLN B 321 5.53 4.56 -36.47
CA GLN B 321 6.20 5.36 -37.49
C GLN B 321 5.24 5.81 -38.58
N ASP B 322 4.35 4.91 -38.98
CA ASP B 322 3.37 5.24 -40.02
C ASP B 322 2.47 6.32 -39.50
N PHE B 323 2.09 6.23 -38.22
CA PHE B 323 1.19 7.23 -37.67
C PHE B 323 1.87 8.59 -37.74
N ILE B 324 3.13 8.66 -37.35
CA ILE B 324 3.86 9.93 -37.36
C ILE B 324 4.04 10.50 -38.78
N ILE B 325 4.41 9.65 -39.72
CA ILE B 325 4.57 10.08 -41.13
C ILE B 325 3.28 10.58 -41.79
N ASP B 326 2.15 9.97 -41.44
CA ASP B 326 0.86 10.30 -42.03
C ASP B 326 0.20 11.43 -41.30
N SER B 327 0.91 11.91 -40.27
CA SER B 327 0.54 13.06 -39.47
C SER B 327 -0.34 12.65 -38.31
N ASP B 331 3.39 17.52 -33.30
CA ASP B 331 3.07 17.00 -31.96
C ASP B 331 2.79 15.50 -31.97
N ALA B 332 2.78 14.89 -33.16
CA ALA B 332 2.53 13.45 -33.29
C ALA B 332 3.62 12.66 -32.58
N THR B 333 4.89 13.08 -32.66
CA THR B 333 5.93 12.29 -32.02
C THR B 333 5.79 12.31 -30.48
N THR B 334 5.50 13.47 -29.92
CA THR B 334 5.28 13.58 -28.48
C THR B 334 4.13 12.69 -28.06
N ARG B 335 3.05 12.69 -28.84
CA ARG B 335 1.91 11.88 -28.49
C ARG B 335 2.22 10.39 -28.57
N VAL B 336 2.87 9.97 -29.64
CA VAL B 336 3.27 8.55 -29.72
C VAL B 336 4.20 8.09 -28.61
N CYS B 337 5.18 8.93 -28.23
CA CYS B 337 6.07 8.53 -27.16
C CYS B 337 5.31 8.38 -25.82
N GLU B 338 4.40 9.29 -25.51
CA GLU B 338 3.54 9.10 -24.31
C GLU B 338 2.72 7.80 -24.38
N LEU B 339 2.17 7.47 -25.56
CA LEU B 339 1.43 6.21 -25.76
C LEU B 339 2.33 5.00 -25.48
N LEU B 340 3.56 5.02 -26.01
CA LEU B 340 4.50 3.94 -25.69
C LEU B 340 4.80 3.81 -24.19
N LYS B 341 4.93 4.93 -23.48
CA LYS B 341 5.11 4.88 -22.04
C LYS B 341 3.85 4.22 -21.40
N TYR B 342 2.68 4.69 -21.82
CA TYR B 342 1.37 4.21 -21.33
C TYR B 342 1.28 2.70 -21.48
N GLN B 343 1.74 2.22 -22.63
CA GLN B 343 1.65 0.82 -23.01
C GLN B 343 2.80 -0.05 -22.41
N GLY B 344 3.76 0.59 -21.78
CA GLY B 344 4.84 -0.16 -21.15
C GLY B 344 5.86 -0.71 -22.13
N GLU B 345 5.96 -0.06 -23.29
CA GLU B 345 6.84 -0.53 -24.35
C GLU B 345 8.22 0.12 -24.17
N HIS B 346 8.91 -0.29 -23.12
CA HIS B 346 10.12 0.39 -22.71
C HIS B 346 11.22 0.19 -23.78
N CYS B 347 11.26 -0.99 -24.40
CA CYS B 347 12.26 -1.34 -25.46
C CYS B 347 12.02 -0.64 -26.80
N LEU B 348 10.87 0.05 -26.97
CA LEU B 348 10.52 0.83 -28.17
C LEU B 348 10.52 2.35 -27.94
N LEU B 349 10.37 2.75 -26.68
CA LEU B 349 10.22 4.15 -26.34
C LEU B 349 11.46 4.97 -26.80
N LYS B 350 12.63 4.56 -26.38
CA LYS B 350 13.80 5.34 -26.68
C LYS B 350 14.10 5.34 -28.16
N GLU B 351 13.86 4.21 -28.84
CA GLU B 351 14.07 4.11 -30.29
C GLU B 351 13.21 5.14 -30.98
N MET B 352 11.99 5.30 -30.50
CA MET B 352 11.07 6.31 -31.14
C MET B 352 11.54 7.71 -30.83
N GLN B 353 11.93 7.94 -29.58
CA GLN B 353 12.43 9.26 -29.18
C GLN B 353 13.67 9.66 -29.98
N GLN B 354 14.48 8.68 -30.40
CA GLN B 354 15.67 8.99 -31.19
C GLN B 354 15.51 8.85 -32.68
N TRP B 355 14.32 8.52 -33.15
CA TRP B 355 14.13 8.31 -34.58
C TRP B 355 13.99 9.67 -35.34
N SER B 356 14.85 9.93 -36.32
CA SER B 356 14.65 11.09 -37.18
C SER B 356 13.69 10.68 -38.30
N ILE B 357 12.70 11.51 -38.61
CA ILE B 357 11.77 11.18 -39.66
C ILE B 357 12.53 11.29 -40.99
N PRO B 358 12.64 10.20 -41.74
CA PRO B 358 13.47 10.27 -42.94
C PRO B 358 12.69 10.76 -44.15
N PRO B 359 13.31 11.61 -44.96
CA PRO B 359 12.62 11.93 -46.23
C PRO B 359 12.68 10.72 -47.15
N PHE B 360 11.70 10.56 -48.06
CA PHE B 360 11.84 9.57 -49.13
C PHE B 360 13.14 9.85 -49.86
N PRO B 361 14.02 8.84 -49.93
CA PRO B 361 15.37 9.19 -50.37
C PRO B 361 15.61 9.25 -51.86
N VAL B 362 14.66 8.95 -52.73
CA VAL B 362 14.92 8.93 -54.15
C VAL B 362 14.16 10.05 -54.84
N SER B 363 14.82 10.70 -55.77
CA SER B 363 14.19 11.74 -56.56
C SER B 363 14.06 11.33 -58.02
N GLY B 364 13.32 12.13 -58.78
CA GLY B 364 13.15 11.84 -60.20
C GLY B 364 14.47 11.79 -60.95
N HIS B 365 15.43 12.62 -60.56
CA HIS B 365 16.72 12.64 -61.28
C HIS B 365 17.55 11.36 -61.05
N ASP B 366 17.36 10.68 -59.91
CA ASP B 366 18.00 9.38 -59.70
C ASP B 366 17.45 8.31 -60.69
N ILE B 367 16.17 8.44 -61.03
CA ILE B 367 15.53 7.50 -61.93
C ILE B 367 15.95 7.84 -63.34
N ARG B 368 16.07 9.13 -63.64
CA ARG B 368 16.63 9.56 -64.91
C ARG B 368 17.98 8.95 -65.14
N LYS B 369 18.85 9.01 -64.13
CA LYS B 369 20.22 8.54 -64.26
C LYS B 369 20.09 7.03 -64.44
N VAL B 370 20.89 6.38 -65.25
CA VAL B 370 20.43 5.05 -65.74
C VAL B 370 18.92 5.02 -66.17
N GLY B 371 18.36 6.14 -66.61
CA GLY B 371 16.91 6.24 -66.87
C GLY B 371 16.58 5.78 -68.25
N ILE B 372 15.31 5.74 -68.69
CA ILE B 372 14.15 6.48 -68.18
C ILE B 372 14.21 8.00 -68.36
N SER B 373 13.47 8.49 -69.34
CA SER B 373 13.27 9.93 -69.51
C SER B 373 11.79 10.36 -69.38
N SER B 374 10.86 9.44 -69.58
CA SER B 374 9.45 9.75 -69.50
C SER B 374 9.02 10.10 -68.08
N GLY B 375 8.44 11.28 -67.90
CA GLY B 375 7.97 11.71 -66.60
C GLY B 375 6.99 10.74 -66.01
N LYS B 376 6.09 10.26 -66.87
CA LYS B 376 5.09 9.27 -66.47
C LYS B 376 5.76 8.00 -65.97
N GLU B 377 6.74 7.49 -66.69
CA GLU B 377 7.45 6.30 -66.22
C GLU B 377 8.24 6.58 -64.93
N ILE B 378 8.85 7.76 -64.80
CA ILE B 378 9.57 8.13 -63.59
C ILE B 378 8.64 8.07 -62.37
N GLY B 379 7.45 8.61 -62.53
CA GLY B 379 6.51 8.65 -61.40
C GLY B 379 6.02 7.27 -60.98
N ALA B 380 5.81 6.37 -61.94
CA ALA B 380 5.47 4.98 -61.65
C ALA B 380 6.56 4.26 -60.85
N LEU B 381 7.81 4.47 -61.25
CA LEU B 381 8.92 3.80 -60.60
C LEU B 381 9.16 4.40 -59.22
N LEU B 382 9.04 5.70 -59.09
CA LEU B 382 9.12 6.30 -57.77
C LEU B 382 8.02 5.81 -56.87
N GLN B 383 6.80 5.64 -57.39
CA GLN B 383 5.74 5.08 -56.60
C GLN B 383 6.10 3.66 -56.10
N GLN B 384 6.66 2.84 -56.99
CA GLN B 384 7.03 1.51 -56.59
C GLN B 384 8.05 1.58 -55.46
N LEU B 385 8.96 2.53 -55.56
CA LEU B 385 10.01 2.64 -54.53
C LEU B 385 9.49 3.20 -53.20
N ARG B 386 8.58 4.17 -53.26
CA ARG B 386 7.92 4.65 -52.04
C ARG B 386 7.31 3.49 -51.30
N GLU B 387 6.67 2.58 -52.05
CA GLU B 387 6.02 1.44 -51.44
C GLU B 387 6.98 0.49 -50.78
N GLN B 388 8.08 0.16 -51.46
CA GLN B 388 9.10 -0.69 -50.83
C GLN B 388 9.71 -0.03 -49.58
N TRP B 389 9.99 1.26 -49.69
CA TRP B 389 10.52 2.03 -48.59
C TRP B 389 9.63 2.03 -47.34
N LYS B 390 8.35 2.28 -47.54
CA LYS B 390 7.38 2.20 -46.44
C LYS B 390 7.31 0.79 -45.89
N LYS B 391 7.22 -0.17 -46.81
CA LYS B 391 7.14 -1.55 -46.39
C LYS B 391 8.31 -1.94 -45.47
N SER B 392 9.49 -1.43 -45.76
CA SER B 392 10.72 -1.71 -45.02
C SER B 392 10.77 -0.99 -43.66
N GLY B 393 9.73 -0.26 -43.30
CA GLY B 393 9.79 0.57 -42.09
C GLY B 393 10.62 1.83 -42.25
N TYR B 394 10.62 2.37 -43.46
CA TYR B 394 11.36 3.61 -43.77
C TYR B 394 12.84 3.58 -43.50
N GLN B 395 13.46 2.43 -43.66
CA GLN B 395 14.91 2.37 -43.36
C GLN B 395 15.80 2.12 -44.57
N MET B 396 15.25 1.59 -45.66
CA MET B 396 16.04 1.50 -46.90
C MET B 396 16.50 2.87 -47.36
N GLU B 397 17.73 2.93 -47.82
CA GLU B 397 18.29 4.20 -48.28
C GLU B 397 18.39 4.23 -49.80
N LYS B 398 18.87 5.34 -50.34
CA LYS B 398 18.78 5.61 -51.78
C LYS B 398 19.39 4.46 -52.57
N ASP B 399 20.62 4.09 -52.24
CA ASP B 399 21.35 3.08 -52.98
C ASP B 399 20.60 1.73 -53.04
N GLU B 400 20.06 1.28 -51.91
CA GLU B 400 19.30 0.02 -51.88
C GLU B 400 18.02 0.05 -52.73
N LEU B 401 17.29 1.17 -52.67
CA LEU B 401 16.10 1.36 -53.49
C LEU B 401 16.44 1.40 -55.01
N LEU B 402 17.51 2.10 -55.38
CA LEU B 402 17.97 2.13 -56.78
C LEU B 402 18.43 0.76 -57.27
N SER B 403 19.16 0.02 -56.44
CA SER B 403 19.48 -1.33 -56.84
C SER B 403 18.20 -2.13 -57.02
N TYR B 404 17.25 -1.94 -56.13
CA TYR B 404 15.98 -2.65 -56.25
C TYR B 404 15.28 -2.33 -57.58
N ILE B 405 15.17 -1.06 -57.92
CA ILE B 405 14.45 -0.68 -59.14
C ILE B 405 15.19 -1.11 -60.41
N LYS B 406 16.52 -1.11 -60.38
CA LYS B 406 17.28 -1.60 -61.53
C LYS B 406 16.96 -3.07 -61.81
N LYS B 407 16.83 -3.86 -60.75
CA LYS B 407 16.45 -5.25 -60.90
C LYS B 407 15.06 -5.35 -61.52
N THR B 408 14.13 -4.56 -61.00
CA THR B 408 12.76 -4.51 -61.50
C THR B 408 12.66 -4.22 -62.99
N LEU B 409 13.54 -3.35 -63.49
CA LEU B 409 13.61 -3.06 -64.92
C LEU B 409 14.35 -4.21 -65.63
#